data_3KN3
#
_entry.id   3KN3
#
_cell.length_a   55.784
_cell.length_b   81.290
_cell.length_c   87.910
_cell.angle_alpha   90.00
_cell.angle_beta   103.32
_cell.angle_gamma   90.00
#
_symmetry.space_group_name_H-M   'P 1 21 1'
#
loop_
_entity.id
_entity.type
_entity.pdbx_description
1 polymer 'PUTATIVE PERIPLASMIC PROTEIN'
2 non-polymer GLYCEROL
3 non-polymer 'ACETIC ACID'
4 non-polymer GLUTATHIONE
5 non-polymer 'CITRIC ACID'
6 water water
#
_entity_poly.entity_id   1
_entity_poly.type   'polypeptide(L)'
_entity_poly.pdbx_seq_one_letter_code
;SNAAAELR(MSE)ATTTSTDNTGLLDVLAPAYKKDTGVDLKWVAVGTGNALKLGENCDVDVVFVHAPKVELEYVEKGFGI
DRTPV(MSE)YNDFVIIGNPSFKQKFTG(MSE)SVAEAFKLIEKEQVKFVSRGDKSGTHSKEREVWKEALGKIPEKESWY
IEAGQG(MSE)LATINIAEEQKGLTLTDRGTFIKYESNHKGKPP(MSE)VIVLEGDNTLKNFYSI(MSE)AVNPKRCEKA
DYKGAKQFIDWIVSEK(MSE)QAEIANFKL
;
_entity_poly.pdbx_strand_id   A,B,C
#
loop_
_chem_comp.id
_chem_comp.type
_chem_comp.name
_chem_comp.formula
ACY non-polymer 'ACETIC ACID' 'C2 H4 O2'
CIT non-polymer 'CITRIC ACID' 'C6 H8 O7'
GOL non-polymer GLYCEROL 'C3 H8 O3'
GSH non-polymer GLUTATHIONE 'C10 H17 N3 O6 S'
#
# COMPACT_ATOMS: atom_id res chain seq x y z
N ALA A 4 -0.97 -9.95 -58.38
CA ALA A 4 -0.85 -11.35 -58.76
C ALA A 4 -0.15 -12.15 -57.65
N ALA A 5 0.82 -11.55 -57.01
CA ALA A 5 1.40 -12.18 -55.82
C ALA A 5 0.36 -12.18 -54.72
N GLU A 6 0.29 -13.29 -53.99
CA GLU A 6 -0.67 -13.37 -52.89
C GLU A 6 -0.06 -14.02 -51.66
N LEU A 7 -0.76 -13.86 -50.55
CA LEU A 7 -0.37 -14.45 -49.29
C LEU A 7 -1.59 -15.18 -48.73
N ARG A 8 -1.42 -16.46 -48.36
CA ARG A 8 -2.56 -17.27 -47.96
C ARG A 8 -2.70 -17.31 -46.47
N MSE A 9 -3.90 -17.00 -46.00
CA MSE A 9 -4.13 -16.85 -44.58
C MSE A 9 -5.30 -17.67 -44.08
O MSE A 9 -6.36 -17.70 -44.69
CB MSE A 9 -4.38 -15.38 -44.27
CG MSE A 9 -5.13 -15.11 -42.98
SE MSE A 9 -5.25 -13.18 -42.58
CE MSE A 9 -3.75 -12.56 -43.71
N ALA A 10 -5.10 -18.33 -42.94
CA ALA A 10 -6.18 -18.97 -42.25
C ALA A 10 -6.55 -18.10 -41.06
N THR A 11 -7.81 -17.64 -41.03
CA THR A 11 -8.28 -16.87 -39.91
C THR A 11 -9.58 -17.42 -39.32
N THR A 12 -10.14 -16.66 -38.40
CA THR A 12 -11.26 -17.11 -37.60
C THR A 12 -12.54 -16.39 -37.99
N THR A 13 -13.64 -17.11 -37.94
CA THR A 13 -14.92 -16.53 -38.35
C THR A 13 -15.27 -15.24 -37.57
N SER A 14 -15.01 -15.23 -36.27
CA SER A 14 -15.27 -14.01 -35.52
C SER A 14 -14.31 -12.88 -35.90
N THR A 15 -13.05 -13.21 -36.21
CA THR A 15 -12.09 -12.18 -36.64
C THR A 15 -12.54 -11.56 -37.96
N ASP A 16 -12.91 -12.42 -38.90
CA ASP A 16 -13.39 -11.97 -40.19
C ASP A 16 -14.52 -10.97 -40.07
N ASN A 17 -15.40 -11.18 -39.08
CA ASN A 17 -16.61 -10.37 -38.89
C ASN A 17 -16.39 -8.97 -38.35
N THR A 18 -15.23 -8.76 -37.74
CA THR A 18 -14.83 -7.45 -37.30
C THR A 18 -14.48 -6.51 -38.48
N GLY A 19 -14.20 -7.09 -39.65
CA GLY A 19 -13.75 -6.28 -40.77
C GLY A 19 -12.29 -5.87 -40.74
N LEU A 20 -11.58 -6.17 -39.66
CA LEU A 20 -10.14 -5.86 -39.58
C LEU A 20 -9.40 -6.23 -40.89
N LEU A 21 -9.64 -7.42 -41.40
CA LEU A 21 -8.91 -7.91 -42.57
C LEU A 21 -9.20 -7.10 -43.82
N ASP A 22 -10.46 -6.68 -43.94
CA ASP A 22 -10.90 -5.89 -45.08
C ASP A 22 -10.32 -4.49 -45.03
N VAL A 23 -9.85 -4.10 -43.86
CA VAL A 23 -9.15 -2.84 -43.73
C VAL A 23 -7.68 -3.03 -44.13
N LEU A 24 -7.03 -4.03 -43.54
CA LEU A 24 -5.62 -4.32 -43.80
C LEU A 24 -5.30 -4.68 -45.25
N ALA A 25 -6.16 -5.46 -45.89
CA ALA A 25 -5.86 -6.00 -47.22
C ALA A 25 -5.67 -4.94 -48.33
N PRO A 26 -6.59 -3.97 -48.43
CA PRO A 26 -6.39 -2.94 -49.45
C PRO A 26 -5.14 -2.11 -49.16
N ALA A 27 -4.90 -1.81 -47.89
CA ALA A 27 -3.71 -1.04 -47.53
C ALA A 27 -2.41 -1.80 -47.86
N TYR A 28 -2.44 -3.11 -47.67
CA TYR A 28 -1.25 -3.93 -47.93
C TYR A 28 -1.00 -4.05 -49.44
N LYS A 29 -2.08 -4.23 -50.18
CA LYS A 29 -2.01 -4.31 -51.63
C LYS A 29 -1.40 -3.04 -52.20
N LYS A 30 -1.79 -1.91 -51.62
CA LYS A 30 -1.28 -0.60 -52.02
C LYS A 30 0.21 -0.42 -51.73
N ASP A 31 0.67 -0.88 -50.57
CA ASP A 31 2.06 -0.66 -50.19
C ASP A 31 3.02 -1.63 -50.83
N THR A 32 2.48 -2.73 -51.33
CA THR A 32 3.28 -3.93 -51.44
C THR A 32 3.05 -4.72 -52.72
N GLY A 33 1.89 -4.50 -53.34
CA GLY A 33 1.47 -5.27 -54.51
C GLY A 33 0.97 -6.68 -54.22
N VAL A 34 0.94 -7.08 -52.96
CA VAL A 34 0.51 -8.43 -52.58
C VAL A 34 -0.97 -8.49 -52.20
N ASP A 35 -1.68 -9.49 -52.73
CA ASP A 35 -3.07 -9.75 -52.33
C ASP A 35 -3.19 -10.72 -51.15
N LEU A 36 -3.85 -10.26 -50.10
CA LEU A 36 -4.23 -11.08 -48.97
C LEU A 36 -5.43 -11.97 -49.31
N LYS A 37 -5.27 -13.27 -49.16
CA LYS A 37 -6.36 -14.20 -49.38
C LYS A 37 -6.58 -15.00 -48.10
N TRP A 38 -7.80 -14.97 -47.57
CA TRP A 38 -8.01 -15.67 -46.30
C TRP A 38 -9.22 -16.60 -46.28
N VAL A 39 -9.15 -17.60 -45.44
CA VAL A 39 -10.29 -18.44 -45.21
C VAL A 39 -10.62 -18.37 -43.74
N ALA A 40 -11.91 -18.18 -43.44
CA ALA A 40 -12.36 -17.96 -42.07
C ALA A 40 -13.12 -19.17 -41.54
N VAL A 41 -12.54 -19.84 -40.56
CA VAL A 41 -13.12 -21.06 -40.01
C VAL A 41 -13.10 -20.99 -38.49
N GLY A 42 -13.23 -22.14 -37.85
CA GLY A 42 -13.12 -22.24 -36.41
C GLY A 42 -11.68 -22.01 -36.00
N THR A 43 -11.49 -21.69 -34.71
CA THR A 43 -10.16 -21.43 -34.18
C THR A 43 -9.27 -22.64 -34.37
N GLY A 44 -9.75 -23.78 -33.90
CA GLY A 44 -8.98 -25.00 -33.96
C GLY A 44 -8.59 -25.31 -35.39
N ASN A 45 -9.57 -25.19 -36.29
CA ASN A 45 -9.35 -25.43 -37.73
C ASN A 45 -8.41 -24.40 -38.39
N ALA A 46 -8.46 -23.15 -37.92
CA ALA A 46 -7.54 -22.13 -38.43
C ALA A 46 -6.11 -22.55 -38.10
N LEU A 47 -5.89 -22.95 -36.85
CA LEU A 47 -4.58 -23.43 -36.45
C LEU A 47 -4.20 -24.73 -37.17
N LYS A 48 -5.16 -25.63 -37.29
CA LYS A 48 -4.91 -26.91 -37.95
C LYS A 48 -4.45 -26.66 -39.40
N LEU A 49 -4.93 -25.57 -40.00
CA LEU A 49 -4.58 -25.27 -41.37
C LEU A 49 -3.10 -24.92 -41.49
N GLY A 50 -2.60 -24.21 -40.50
CA GLY A 50 -1.19 -23.91 -40.42
C GLY A 50 -0.39 -25.16 -40.07
N GLU A 51 -0.98 -26.02 -39.25
CA GLU A 51 -0.26 -27.16 -38.73
C GLU A 51 0.03 -28.06 -39.92
N ASN A 52 -0.93 -28.09 -40.83
CA ASN A 52 -0.92 -29.00 -41.97
C ASN A 52 -0.25 -28.42 -43.23
N CYS A 53 0.33 -27.23 -43.12
CA CYS A 53 0.98 -26.59 -44.26
C CYS A 53 -0.01 -26.21 -45.38
N ASP A 54 -1.19 -25.75 -44.99
CA ASP A 54 -2.19 -25.27 -45.95
C ASP A 54 -2.14 -23.76 -46.20
N VAL A 55 -1.57 -23.03 -45.25
CA VAL A 55 -1.49 -21.59 -45.42
C VAL A 55 -0.10 -21.07 -45.13
N ASP A 56 0.10 -19.78 -45.36
CA ASP A 56 1.38 -19.15 -45.07
C ASP A 56 1.37 -18.56 -43.67
N VAL A 57 0.24 -17.98 -43.29
CA VAL A 57 0.07 -17.38 -41.96
C VAL A 57 -1.30 -17.67 -41.37
N VAL A 58 -1.36 -17.50 -40.06
CA VAL A 58 -2.52 -17.81 -39.25
C VAL A 58 -2.88 -16.54 -38.45
N PHE A 59 -4.16 -16.28 -38.29
CA PHE A 59 -4.59 -15.02 -37.70
C PHE A 59 -5.76 -15.23 -36.77
N VAL A 60 -5.50 -15.25 -35.47
CA VAL A 60 -6.48 -15.71 -34.50
C VAL A 60 -6.60 -14.81 -33.27
N HIS A 61 -7.41 -15.27 -32.33
CA HIS A 61 -7.87 -14.41 -31.26
C HIS A 61 -8.08 -15.25 -30.02
N ALA A 62 -7.03 -15.99 -29.63
CA ALA A 62 -7.11 -16.83 -28.44
C ALA A 62 -5.72 -17.08 -27.86
N PRO A 63 -5.28 -16.21 -26.95
CA PRO A 63 -3.88 -16.27 -26.50
C PRO A 63 -3.49 -17.60 -25.88
N LYS A 64 -4.41 -18.25 -25.17
CA LYS A 64 -4.13 -19.56 -24.58
C LYS A 64 -3.47 -20.47 -25.61
N VAL A 65 -4.24 -20.84 -26.63
CA VAL A 65 -3.77 -21.79 -27.63
C VAL A 65 -2.71 -21.22 -28.55
N GLU A 66 -2.74 -19.92 -28.80
CA GLU A 66 -1.69 -19.27 -29.59
C GLU A 66 -0.33 -19.65 -29.00
N LEU A 67 -0.25 -19.58 -27.68
CA LEU A 67 1.01 -19.89 -26.99
C LEU A 67 1.38 -21.37 -27.09
N GLU A 68 0.40 -22.24 -26.92
CA GLU A 68 0.56 -23.67 -27.19
C GLU A 68 1.16 -23.87 -28.56
N TYR A 69 0.53 -23.21 -29.54
CA TYR A 69 0.88 -23.31 -30.93
C TYR A 69 2.37 -23.04 -31.15
N VAL A 70 2.83 -21.88 -30.68
CA VAL A 70 4.24 -21.50 -30.79
C VAL A 70 5.13 -22.56 -30.16
N GLU A 71 4.76 -22.93 -28.95
CA GLU A 71 5.43 -23.98 -28.21
C GLU A 71 5.60 -25.29 -28.99
N LYS A 72 4.49 -25.81 -29.52
CA LYS A 72 4.47 -27.06 -30.27
C LYS A 72 5.38 -26.99 -31.50
N GLY A 73 5.69 -25.77 -31.94
CA GLY A 73 6.56 -25.58 -33.08
C GLY A 73 5.79 -25.27 -34.36
N PHE A 74 4.49 -25.05 -34.23
CA PHE A 74 3.63 -24.88 -35.39
C PHE A 74 3.72 -23.48 -35.96
N GLY A 75 3.73 -22.48 -35.09
CA GLY A 75 3.83 -21.10 -35.53
C GLY A 75 5.04 -20.39 -34.95
N ILE A 76 5.54 -19.40 -35.67
CA ILE A 76 6.63 -18.55 -35.18
C ILE A 76 6.25 -17.10 -35.42
N ASP A 77 7.01 -16.20 -34.81
CA ASP A 77 6.89 -14.75 -35.04
C ASP A 77 5.54 -14.19 -34.63
N ARG A 78 4.99 -14.76 -33.56
CA ARG A 78 3.73 -14.30 -32.99
C ARG A 78 3.75 -12.77 -32.83
N THR A 79 2.74 -12.11 -33.39
CA THR A 79 2.74 -10.66 -33.54
C THR A 79 1.33 -10.11 -33.30
N PRO A 80 1.11 -9.36 -32.21
CA PRO A 80 -0.24 -8.87 -31.91
C PRO A 80 -0.65 -7.65 -32.73
N VAL A 81 -1.93 -7.62 -33.10
CA VAL A 81 -2.53 -6.44 -33.70
C VAL A 81 -3.68 -6.00 -32.80
N MSE A 82 -3.61 -4.79 -32.28
CA MSE A 82 -4.58 -4.40 -31.29
C MSE A 82 -5.75 -3.73 -31.96
O MSE A 82 -5.57 -2.93 -32.88
CB MSE A 82 -3.96 -3.48 -30.26
CG MSE A 82 -3.94 -2.04 -30.69
SE MSE A 82 -4.30 -0.90 -29.17
CE MSE A 82 -2.76 -1.36 -28.07
N TYR A 83 -6.95 -4.08 -31.53
CA TYR A 83 -8.14 -3.64 -32.26
C TYR A 83 -9.39 -4.01 -31.51
N ASN A 84 -10.39 -3.13 -31.58
CA ASN A 84 -11.70 -3.45 -31.04
C ASN A 84 -11.61 -3.71 -29.54
N ASP A 85 -11.12 -2.71 -28.82
CA ASP A 85 -10.93 -2.81 -27.38
C ASP A 85 -12.23 -3.07 -26.65
N PHE A 86 -12.13 -3.69 -25.47
CA PHE A 86 -13.28 -3.92 -24.61
C PHE A 86 -13.65 -2.70 -23.74
N VAL A 87 -14.94 -2.51 -23.53
CA VAL A 87 -15.41 -1.42 -22.68
C VAL A 87 -16.44 -1.92 -21.66
N ILE A 88 -16.60 -1.16 -20.58
CA ILE A 88 -17.58 -1.48 -19.57
C ILE A 88 -18.77 -0.56 -19.81
N ILE A 89 -19.97 -1.13 -19.86
CA ILE A 89 -21.17 -0.35 -20.15
C ILE A 89 -22.25 -0.54 -19.09
N GLY A 90 -23.16 0.42 -19.03
CA GLY A 90 -24.23 0.44 -18.05
C GLY A 90 -25.06 1.70 -18.30
N ASN A 91 -26.14 1.90 -17.57
CA ASN A 91 -26.98 3.03 -17.89
C ASN A 91 -26.28 4.33 -17.48
N PRO A 92 -26.78 5.47 -17.96
CA PRO A 92 -26.06 6.74 -17.75
C PRO A 92 -25.75 7.04 -16.28
N SER A 93 -26.62 6.62 -15.36
CA SER A 93 -26.31 6.75 -13.92
C SER A 93 -24.84 6.50 -13.64
N PHE A 94 -24.32 5.42 -14.18
CA PHE A 94 -23.01 4.91 -13.77
C PHE A 94 -21.77 5.70 -14.21
N LYS A 95 -21.87 6.53 -15.25
CA LYS A 95 -20.65 7.13 -15.79
C LYS A 95 -19.90 7.99 -14.77
N GLN A 96 -20.61 8.94 -14.15
CA GLN A 96 -20.05 9.73 -13.06
C GLN A 96 -19.39 8.86 -11.99
N LYS A 97 -20.02 7.74 -11.67
CA LYS A 97 -19.57 6.84 -10.62
C LYS A 97 -18.09 6.43 -10.69
N PHE A 98 -17.58 6.21 -11.90
CA PHE A 98 -16.24 5.67 -12.10
C PHE A 98 -15.24 6.66 -12.70
N THR A 99 -15.66 7.91 -12.90
CA THR A 99 -14.78 8.87 -13.56
C THR A 99 -13.40 8.94 -12.89
N GLY A 100 -12.35 8.90 -13.71
CA GLY A 100 -11.00 8.95 -13.20
C GLY A 100 -10.46 7.61 -12.73
N MSE A 101 -11.31 6.59 -12.66
CA MSE A 101 -10.87 5.32 -12.08
C MSE A 101 -10.25 4.33 -13.07
O MSE A 101 -10.57 4.32 -14.25
CB MSE A 101 -11.98 4.67 -11.31
CG MSE A 101 -12.38 5.43 -10.07
SE MSE A 101 -13.75 4.40 -9.12
CE MSE A 101 -14.46 5.82 -7.95
N SER A 102 -9.34 3.52 -12.57
CA SER A 102 -8.86 2.37 -13.32
C SER A 102 -9.96 1.27 -13.29
N VAL A 103 -9.81 0.24 -14.11
CA VAL A 103 -10.73 -0.89 -14.10
C VAL A 103 -10.64 -1.61 -12.77
N ALA A 104 -9.42 -1.75 -12.27
CA ALA A 104 -9.27 -2.42 -11.00
C ALA A 104 -10.05 -1.66 -9.90
N GLU A 105 -9.94 -0.33 -9.88
CA GLU A 105 -10.62 0.48 -8.85
C GLU A 105 -12.14 0.38 -8.99
N ALA A 106 -12.61 0.42 -10.24
CA ALA A 106 -14.03 0.30 -10.51
C ALA A 106 -14.57 -1.07 -10.11
N PHE A 107 -13.88 -2.15 -10.48
CA PHE A 107 -14.32 -3.47 -10.10
C PHE A 107 -14.38 -3.67 -8.58
N LYS A 108 -13.36 -3.20 -7.87
CA LYS A 108 -13.38 -3.19 -6.41
C LYS A 108 -14.63 -2.47 -5.89
N LEU A 109 -14.96 -1.36 -6.53
CA LEU A 109 -16.12 -0.57 -6.13
C LEU A 109 -17.41 -1.35 -6.39
N ILE A 110 -17.47 -1.99 -7.54
CA ILE A 110 -18.58 -2.83 -7.93
C ILE A 110 -18.81 -3.91 -6.87
N GLU A 111 -17.73 -4.55 -6.45
CA GLU A 111 -17.84 -5.55 -5.40
C GLU A 111 -18.31 -4.94 -4.08
N LYS A 112 -17.62 -3.91 -3.64
CA LYS A 112 -17.97 -3.21 -2.40
C LYS A 112 -19.44 -2.81 -2.35
N GLU A 113 -19.90 -2.10 -3.37
CA GLU A 113 -21.29 -1.66 -3.39
C GLU A 113 -22.24 -2.74 -3.89
N GLN A 114 -21.68 -3.87 -4.31
CA GLN A 114 -22.45 -4.99 -4.86
C GLN A 114 -23.37 -4.55 -6.00
N VAL A 115 -22.83 -3.90 -7.02
CA VAL A 115 -23.65 -3.55 -8.19
C VAL A 115 -23.77 -4.75 -9.14
N LYS A 116 -24.90 -4.83 -9.83
CA LYS A 116 -25.15 -5.98 -10.68
C LYS A 116 -24.14 -6.00 -11.83
N PHE A 117 -23.50 -7.14 -11.99
CA PHE A 117 -22.61 -7.33 -13.11
C PHE A 117 -22.96 -8.61 -13.86
N VAL A 118 -23.20 -8.48 -15.15
CA VAL A 118 -23.59 -9.62 -15.97
C VAL A 118 -22.45 -10.18 -16.81
N SER A 119 -22.11 -11.44 -16.57
CA SER A 119 -21.08 -12.12 -17.31
C SER A 119 -21.70 -12.94 -18.46
N ARG A 120 -20.94 -13.08 -19.55
CA ARG A 120 -21.36 -13.93 -20.66
C ARG A 120 -21.63 -15.34 -20.16
N GLY A 121 -20.80 -15.82 -19.26
CA GLY A 121 -20.95 -17.17 -18.71
C GLY A 121 -21.17 -18.25 -19.76
N ASP A 122 -20.49 -18.13 -20.90
CA ASP A 122 -20.52 -19.16 -21.95
C ASP A 122 -19.08 -19.48 -22.35
N LYS A 123 -18.91 -20.28 -23.40
CA LYS A 123 -17.58 -20.49 -23.96
C LYS A 123 -17.32 -19.36 -24.94
N SER A 124 -16.74 -18.27 -24.46
CA SER A 124 -16.62 -17.09 -25.29
C SER A 124 -15.24 -16.49 -25.12
N GLY A 125 -14.78 -15.77 -26.14
CA GLY A 125 -13.52 -15.07 -26.05
C GLY A 125 -13.69 -13.89 -25.11
N THR A 126 -14.85 -13.27 -25.19
CA THR A 126 -15.21 -12.18 -24.33
C THR A 126 -15.33 -12.66 -22.89
N HIS A 127 -15.89 -13.85 -22.69
CA HIS A 127 -16.05 -14.36 -21.33
C HIS A 127 -14.71 -14.62 -20.67
N SER A 128 -13.78 -15.24 -21.39
CA SER A 128 -12.51 -15.57 -20.76
C SER A 128 -11.64 -14.33 -20.56
N LYS A 129 -11.87 -13.33 -21.40
CA LYS A 129 -11.24 -12.02 -21.21
C LYS A 129 -11.76 -11.36 -19.95
N GLU A 130 -13.08 -11.34 -19.80
CA GLU A 130 -13.74 -10.73 -18.64
C GLU A 130 -13.32 -11.43 -17.35
N ARG A 131 -13.16 -12.75 -17.40
CA ARG A 131 -12.64 -13.50 -16.27
C ARG A 131 -11.22 -13.05 -15.95
N GLU A 132 -10.39 -12.86 -16.98
CA GLU A 132 -9.04 -12.37 -16.78
C GLU A 132 -9.04 -11.01 -16.09
N VAL A 133 -9.94 -10.13 -16.50
CA VAL A 133 -10.00 -8.80 -15.89
C VAL A 133 -10.31 -8.82 -14.38
N TRP A 134 -11.27 -9.67 -13.95
CA TRP A 134 -11.61 -9.82 -12.53
C TRP A 134 -10.44 -10.37 -11.74
N LYS A 135 -9.77 -11.35 -12.33
CA LYS A 135 -8.59 -11.95 -11.74
C LYS A 135 -7.51 -10.88 -11.47
N GLU A 136 -7.22 -10.06 -12.48
CA GLU A 136 -6.26 -8.97 -12.34
C GLU A 136 -6.71 -7.95 -11.29
N ALA A 137 -8.02 -7.73 -11.23
CA ALA A 137 -8.55 -6.66 -10.39
C ALA A 137 -8.73 -7.07 -8.93
N LEU A 138 -9.24 -8.27 -8.70
CA LEU A 138 -9.51 -8.70 -7.33
C LEU A 138 -8.61 -9.84 -6.90
N GLY A 139 -7.92 -10.46 -7.85
CA GLY A 139 -7.20 -11.69 -7.59
C GLY A 139 -8.10 -12.92 -7.55
N LYS A 140 -9.38 -12.74 -7.89
CA LYS A 140 -10.33 -13.85 -7.95
C LYS A 140 -11.54 -13.49 -8.83
N ILE A 141 -12.16 -14.51 -9.40
CA ILE A 141 -13.40 -14.30 -10.12
C ILE A 141 -14.54 -14.42 -9.12
N PRO A 142 -15.36 -13.37 -9.00
CA PRO A 142 -16.42 -13.36 -7.99
C PRO A 142 -17.60 -14.28 -8.35
N GLU A 143 -17.28 -15.45 -8.90
CA GLU A 143 -18.26 -16.45 -9.32
C GLU A 143 -19.44 -16.73 -8.40
N LYS A 144 -19.30 -16.49 -7.10
CA LYS A 144 -20.34 -16.93 -6.18
C LYS A 144 -21.05 -15.79 -5.46
N GLU A 145 -20.76 -14.55 -5.87
CA GLU A 145 -21.35 -13.37 -5.25
C GLU A 145 -22.76 -13.19 -5.76
N SER A 146 -23.64 -12.69 -4.90
CA SER A 146 -25.03 -12.53 -5.29
C SER A 146 -25.20 -11.58 -6.48
N TRP A 147 -24.33 -10.58 -6.58
CA TRP A 147 -24.44 -9.54 -7.64
C TRP A 147 -23.82 -9.94 -8.98
N TYR A 148 -23.08 -11.05 -8.98
CA TYR A 148 -22.38 -11.52 -10.17
C TYR A 148 -23.20 -12.60 -10.89
N ILE A 149 -23.84 -12.22 -11.99
CA ILE A 149 -24.73 -13.08 -12.73
C ILE A 149 -24.08 -13.59 -14.05
N GLU A 150 -24.19 -14.89 -14.29
CA GLU A 150 -23.74 -15.52 -15.53
C GLU A 150 -24.94 -15.82 -16.44
N ALA A 151 -25.03 -15.10 -17.54
CA ALA A 151 -26.14 -15.22 -18.49
C ALA A 151 -26.12 -16.49 -19.34
N GLY A 152 -24.93 -16.90 -19.78
CA GLY A 152 -24.81 -17.98 -20.73
C GLY A 152 -25.52 -17.61 -22.02
N GLN A 153 -25.10 -16.50 -22.61
CA GLN A 153 -25.77 -15.97 -23.79
C GLN A 153 -24.77 -15.27 -24.68
N GLY A 154 -25.18 -15.04 -25.93
CA GLY A 154 -24.40 -14.25 -26.85
C GLY A 154 -24.23 -12.85 -26.32
N MSE A 155 -23.20 -12.15 -26.79
CA MSE A 155 -22.92 -10.78 -26.34
C MSE A 155 -24.19 -9.91 -26.27
O MSE A 155 -24.50 -9.30 -25.23
CB MSE A 155 -21.88 -10.14 -27.25
CG MSE A 155 -21.35 -8.80 -26.76
SE MSE A 155 -20.28 -9.00 -25.14
CE MSE A 155 -21.64 -8.59 -23.80
N LEU A 156 -24.94 -9.86 -27.37
CA LEU A 156 -26.04 -8.94 -27.47
C LEU A 156 -27.16 -9.25 -26.46
N ALA A 157 -27.38 -10.54 -26.20
CA ALA A 157 -28.40 -10.93 -25.23
C ALA A 157 -28.00 -10.54 -23.81
N THR A 158 -26.71 -10.66 -23.50
CA THR A 158 -26.23 -10.34 -22.15
C THR A 158 -26.18 -8.82 -21.92
N ILE A 159 -26.03 -8.04 -22.97
CA ILE A 159 -26.20 -6.61 -22.85
C ILE A 159 -27.65 -6.28 -22.48
N ASN A 160 -28.59 -6.96 -23.11
CA ASN A 160 -29.98 -6.70 -22.79
C ASN A 160 -30.34 -7.11 -21.37
N ILE A 161 -29.75 -8.21 -20.90
CA ILE A 161 -29.97 -8.62 -19.53
C ILE A 161 -29.41 -7.57 -18.57
N ALA A 162 -28.19 -7.06 -18.86
CA ALA A 162 -27.59 -6.04 -18.00
C ALA A 162 -28.50 -4.81 -17.93
N GLU A 163 -29.03 -4.44 -19.08
CA GLU A 163 -29.92 -3.29 -19.16
C GLU A 163 -31.20 -3.58 -18.37
N GLU A 164 -31.72 -4.78 -18.52
CA GLU A 164 -32.96 -5.18 -17.84
C GLU A 164 -32.81 -5.08 -16.33
N GLN A 165 -31.67 -5.54 -15.82
CA GLN A 165 -31.47 -5.57 -14.37
C GLN A 165 -30.68 -4.39 -13.86
N LYS A 166 -30.63 -3.34 -14.66
CA LYS A 166 -30.12 -2.05 -14.20
C LYS A 166 -28.68 -2.18 -13.68
N GLY A 167 -27.92 -3.03 -14.35
CA GLY A 167 -26.55 -3.32 -13.97
C GLY A 167 -25.54 -3.12 -15.10
N LEU A 168 -24.37 -3.74 -14.95
CA LEU A 168 -23.23 -3.48 -15.82
C LEU A 168 -22.79 -4.70 -16.59
N THR A 169 -22.07 -4.48 -17.68
CA THR A 169 -21.41 -5.58 -18.35
C THR A 169 -20.16 -5.17 -19.16
N LEU A 170 -19.41 -6.17 -19.58
CA LEU A 170 -18.22 -5.96 -20.40
C LEU A 170 -18.44 -6.45 -21.83
N THR A 171 -18.23 -5.57 -22.80
CA THR A 171 -18.44 -5.94 -24.19
C THR A 171 -17.37 -5.36 -25.07
N ASP A 172 -17.13 -6.01 -26.21
CA ASP A 172 -16.26 -5.43 -27.21
C ASP A 172 -16.96 -4.20 -27.78
N ARG A 173 -16.17 -3.25 -28.26
CA ARG A 173 -16.70 -1.98 -28.75
C ARG A 173 -17.60 -2.17 -29.97
N GLY A 174 -17.21 -3.09 -30.85
CA GLY A 174 -17.97 -3.36 -32.06
C GLY A 174 -19.42 -3.71 -31.80
N THR A 175 -19.66 -4.62 -30.86
CA THR A 175 -21.02 -5.03 -30.56
C THR A 175 -21.80 -3.88 -29.95
N PHE A 176 -21.13 -3.09 -29.11
CA PHE A 176 -21.83 -1.98 -28.48
C PHE A 176 -22.28 -0.98 -29.52
N ILE A 177 -21.44 -0.77 -30.54
CA ILE A 177 -21.84 0.08 -31.66
C ILE A 177 -23.10 -0.45 -32.34
N LYS A 178 -23.12 -1.74 -32.61
CA LYS A 178 -24.31 -2.41 -33.14
C LYS A 178 -25.49 -2.20 -32.20
N TYR A 179 -25.32 -2.56 -30.94
CA TYR A 179 -26.38 -2.32 -29.95
C TYR A 179 -26.88 -0.87 -30.03
N GLU A 180 -25.97 0.06 -30.27
CA GLU A 180 -26.33 1.49 -30.28
C GLU A 180 -27.19 1.87 -31.48
N SER A 181 -26.87 1.29 -32.63
CA SER A 181 -27.62 1.57 -33.84
C SER A 181 -29.06 1.09 -33.68
N ASN A 182 -29.26 0.09 -32.82
CA ASN A 182 -30.60 -0.40 -32.50
C ASN A 182 -31.40 0.60 -31.70
N HIS A 183 -30.81 1.10 -30.62
CA HIS A 183 -31.54 1.97 -29.71
C HIS A 183 -31.19 3.43 -29.96
N LYS A 184 -31.56 3.90 -31.15
CA LYS A 184 -31.36 5.27 -31.57
C LYS A 184 -32.06 6.24 -30.62
N GLY A 185 -31.60 7.48 -30.61
CA GLY A 185 -32.24 8.53 -29.83
C GLY A 185 -31.64 8.75 -28.46
N LYS A 186 -32.25 8.15 -27.44
CA LYS A 186 -31.81 8.34 -26.07
C LYS A 186 -31.40 7.00 -25.45
N PRO A 187 -30.12 6.89 -25.03
CA PRO A 187 -29.42 5.62 -24.83
C PRO A 187 -29.85 4.84 -23.59
N PRO A 188 -30.22 3.57 -23.77
CA PRO A 188 -30.41 2.74 -22.59
C PRO A 188 -29.03 2.51 -21.95
N MSE A 189 -28.03 2.30 -22.80
CA MSE A 189 -26.71 1.87 -22.37
C MSE A 189 -25.60 2.78 -22.89
O MSE A 189 -25.65 3.27 -24.01
CB MSE A 189 -26.46 0.44 -22.83
CG MSE A 189 -26.01 -0.49 -21.73
SE MSE A 189 -27.26 -0.65 -20.22
CE MSE A 189 -26.55 -2.34 -19.55
N VAL A 190 -24.59 2.99 -22.05
CA VAL A 190 -23.54 3.95 -22.37
C VAL A 190 -22.17 3.48 -21.87
N ILE A 191 -21.10 3.82 -22.60
CA ILE A 191 -19.75 3.48 -22.13
C ILE A 191 -19.48 4.19 -20.82
N VAL A 192 -19.03 3.40 -19.86
CA VAL A 192 -18.98 3.81 -18.48
C VAL A 192 -17.54 3.68 -18.01
N LEU A 193 -16.73 2.99 -18.80
CA LEU A 193 -15.32 2.83 -18.49
C LEU A 193 -14.53 2.28 -19.69
N GLU A 194 -13.42 2.91 -20.03
CA GLU A 194 -12.63 2.52 -21.20
C GLU A 194 -11.18 3.01 -21.10
N GLY A 195 -10.30 2.45 -21.92
CA GLY A 195 -8.94 2.95 -22.04
C GLY A 195 -7.87 2.23 -21.24
N ASP A 196 -8.26 1.71 -20.07
CA ASP A 196 -7.34 0.95 -19.25
C ASP A 196 -6.61 -0.09 -20.13
N ASN A 197 -5.30 -0.28 -19.95
CA ASN A 197 -4.55 -1.25 -20.75
C ASN A 197 -5.06 -2.67 -20.67
N THR A 198 -5.60 -3.05 -19.52
CA THR A 198 -6.10 -4.40 -19.37
C THR A 198 -7.39 -4.67 -20.20
N LEU A 199 -7.97 -3.60 -20.76
CA LEU A 199 -9.16 -3.73 -21.62
C LEU A 199 -8.83 -3.80 -23.12
N LYS A 200 -7.55 -3.78 -23.44
CA LYS A 200 -7.16 -3.80 -24.84
C LYS A 200 -7.34 -5.17 -25.47
N ASN A 201 -7.72 -5.17 -26.74
CA ASN A 201 -8.04 -6.39 -27.48
C ASN A 201 -7.00 -6.68 -28.56
N PHE A 202 -6.46 -7.90 -28.57
CA PHE A 202 -5.46 -8.26 -29.57
C PHE A 202 -5.81 -9.49 -30.38
N TYR A 203 -5.53 -9.39 -31.68
CA TYR A 203 -5.56 -10.51 -32.59
C TYR A 203 -4.13 -10.83 -33.03
N SER A 204 -3.75 -12.10 -33.01
CA SER A 204 -2.37 -12.49 -33.25
C SER A 204 -2.16 -13.07 -34.64
N ILE A 205 -1.12 -12.58 -35.32
CA ILE A 205 -0.67 -13.17 -36.57
C ILE A 205 0.52 -14.02 -36.24
N MSE A 206 0.55 -15.24 -36.76
CA MSE A 206 1.74 -16.07 -36.68
C MSE A 206 2.06 -16.65 -38.04
O MSE A 206 1.16 -16.97 -38.81
CB MSE A 206 1.55 -17.21 -35.68
CG MSE A 206 1.38 -16.75 -34.24
SE MSE A 206 0.71 -18.19 -33.09
CE MSE A 206 0.90 -17.34 -31.36
N ALA A 207 3.34 -16.76 -38.33
CA ALA A 207 3.79 -17.37 -39.56
C ALA A 207 3.84 -18.87 -39.39
N VAL A 208 3.54 -19.55 -40.49
CA VAL A 208 3.68 -20.98 -40.51
C VAL A 208 5.17 -21.31 -40.48
N ASN A 209 5.56 -22.19 -39.57
CA ASN A 209 6.96 -22.57 -39.42
C ASN A 209 7.55 -23.20 -40.68
N PRO A 210 8.52 -22.52 -41.32
CA PRO A 210 9.06 -23.01 -42.59
C PRO A 210 9.84 -24.32 -42.39
N LYS A 211 10.29 -24.54 -41.16
CA LYS A 211 11.04 -25.74 -40.80
C LYS A 211 10.17 -26.98 -40.95
N ARG A 212 8.87 -26.84 -40.78
CA ARG A 212 7.99 -27.98 -41.00
C ARG A 212 7.18 -27.87 -42.28
N CYS A 213 7.03 -26.67 -42.80
CA CYS A 213 6.28 -26.51 -44.04
C CYS A 213 7.16 -25.98 -45.16
N GLU A 214 7.88 -26.90 -45.79
CA GLU A 214 8.89 -26.58 -46.80
C GLU A 214 8.39 -25.62 -47.86
N LYS A 215 7.10 -25.70 -48.16
CA LYS A 215 6.55 -24.98 -49.28
C LYS A 215 5.68 -23.79 -48.90
N ALA A 216 5.67 -23.44 -47.61
CA ALA A 216 4.98 -22.23 -47.19
C ALA A 216 5.79 -21.02 -47.68
N ASP A 217 5.09 -19.97 -48.08
CA ASP A 217 5.75 -18.74 -48.46
C ASP A 217 6.15 -17.97 -47.20
N TYR A 218 7.25 -18.37 -46.57
CA TYR A 218 7.64 -17.74 -45.32
C TYR A 218 8.13 -16.32 -45.56
N LYS A 219 8.74 -16.10 -46.73
CA LYS A 219 9.11 -14.76 -47.13
C LYS A 219 7.89 -13.85 -47.14
N GLY A 220 6.85 -14.28 -47.84
CA GLY A 220 5.61 -13.52 -47.89
C GLY A 220 5.07 -13.28 -46.48
N ALA A 221 5.15 -14.29 -45.63
CA ALA A 221 4.66 -14.17 -44.27
C ALA A 221 5.44 -13.11 -43.47
N LYS A 222 6.76 -13.21 -43.51
CA LYS A 222 7.60 -12.27 -42.77
C LYS A 222 7.42 -10.83 -43.28
N GLN A 223 7.23 -10.68 -44.60
CA GLN A 223 7.01 -9.36 -45.17
C GLN A 223 5.73 -8.72 -44.61
N PHE A 224 4.66 -9.49 -44.59
CA PHE A 224 3.40 -8.99 -44.08
C PHE A 224 3.51 -8.63 -42.60
N ILE A 225 4.19 -9.48 -41.84
CA ILE A 225 4.36 -9.23 -40.42
C ILE A 225 5.19 -7.97 -40.19
N ASP A 226 6.26 -7.79 -40.96
CA ASP A 226 7.09 -6.62 -40.81
C ASP A 226 6.28 -5.35 -41.14
N TRP A 227 5.44 -5.45 -42.16
CA TRP A 227 4.61 -4.33 -42.58
C TRP A 227 3.70 -3.89 -41.42
N ILE A 228 3.01 -4.85 -40.83
CA ILE A 228 2.12 -4.62 -39.70
C ILE A 228 2.87 -3.99 -38.51
N VAL A 229 4.05 -4.52 -38.23
CA VAL A 229 4.83 -4.10 -37.10
C VAL A 229 5.50 -2.73 -37.33
N SER A 230 5.61 -2.32 -38.59
CA SER A 230 6.26 -1.04 -38.95
C SER A 230 5.56 0.16 -38.34
N GLU A 231 6.34 1.19 -38.01
CA GLU A 231 5.81 2.35 -37.30
C GLU A 231 4.62 2.96 -38.04
N LYS A 232 4.79 3.16 -39.35
CA LYS A 232 3.72 3.74 -40.14
C LYS A 232 2.40 3.03 -39.88
N MSE A 233 2.43 1.70 -39.88
CA MSE A 233 1.24 0.88 -39.70
C MSE A 233 0.86 0.73 -38.23
O MSE A 233 -0.32 0.66 -37.90
CB MSE A 233 1.40 -0.48 -40.37
CG MSE A 233 1.44 -0.40 -41.88
SE MSE A 233 -0.19 0.44 -42.59
CE MSE A 233 0.39 0.86 -44.39
N GLN A 234 1.84 0.66 -37.36
CA GLN A 234 1.58 0.76 -35.92
C GLN A 234 0.74 2.01 -35.67
N ALA A 235 1.28 3.18 -36.03
CA ALA A 235 0.57 4.44 -35.87
C ALA A 235 -0.73 4.49 -36.66
N GLU A 236 -0.74 3.88 -37.84
CA GLU A 236 -1.92 3.89 -38.67
C GLU A 236 -3.03 3.08 -38.03
N ILE A 237 -2.68 1.91 -37.51
CA ILE A 237 -3.63 0.99 -36.89
C ILE A 237 -4.26 1.58 -35.63
N ALA A 238 -3.41 2.18 -34.79
CA ALA A 238 -3.89 2.82 -33.56
C ALA A 238 -5.00 3.82 -33.87
N ASN A 239 -5.02 4.34 -35.09
CA ASN A 239 -5.97 5.39 -35.46
C ASN A 239 -7.18 4.91 -36.24
N PHE A 240 -7.70 3.75 -35.89
CA PHE A 240 -8.91 3.25 -36.53
C PHE A 240 -10.14 3.57 -35.69
N ALA B 5 14.78 18.14 -25.31
CA ALA B 5 13.42 17.79 -24.89
C ALA B 5 13.36 17.46 -23.40
N GLU B 6 12.41 18.08 -22.72
CA GLU B 6 12.23 17.83 -21.30
C GLU B 6 10.78 17.50 -20.98
N LEU B 7 10.58 16.81 -19.87
CA LEU B 7 9.25 16.62 -19.33
C LEU B 7 9.37 16.96 -17.87
N ARG B 8 8.51 17.85 -17.39
CA ARG B 8 8.56 18.29 -16.00
C ARG B 8 7.45 17.69 -15.14
N MSE B 9 7.85 17.20 -13.99
CA MSE B 9 6.99 16.46 -13.11
C MSE B 9 7.05 17.00 -11.67
O MSE B 9 8.11 17.37 -11.16
CB MSE B 9 7.38 14.99 -13.12
CG MSE B 9 6.96 14.18 -11.87
SE MSE B 9 7.70 12.36 -11.85
CE MSE B 9 6.91 11.71 -13.50
N ALA B 10 5.88 17.05 -11.04
CA ALA B 10 5.78 17.27 -9.61
C ALA B 10 5.46 15.94 -8.94
N THR B 11 6.33 15.51 -8.04
CA THR B 11 6.05 14.32 -7.28
C THR B 11 6.21 14.57 -5.78
N THR B 12 6.34 13.48 -5.06
CA THR B 12 6.21 13.45 -3.62
C THR B 12 7.50 13.00 -2.96
N THR B 13 7.84 13.67 -1.86
CA THR B 13 9.02 13.33 -1.09
C THR B 13 9.05 11.83 -0.84
N SER B 14 8.00 11.32 -0.22
CA SER B 14 7.95 9.90 0.09
C SER B 14 8.17 9.05 -1.15
N THR B 15 7.57 9.47 -2.26
CA THR B 15 7.73 8.78 -3.54
C THR B 15 9.17 8.89 -4.06
N ASP B 16 9.68 10.12 -4.10
CA ASP B 16 11.06 10.31 -4.54
C ASP B 16 11.93 9.32 -3.78
N ASN B 17 11.64 9.13 -2.50
CA ASN B 17 12.46 8.32 -1.61
C ASN B 17 12.48 6.82 -1.92
N THR B 18 11.56 6.33 -2.74
CA THR B 18 11.64 4.94 -3.17
C THR B 18 12.83 4.78 -4.10
N GLY B 19 13.21 5.87 -4.76
CA GLY B 19 14.29 5.83 -5.74
C GLY B 19 13.84 5.39 -7.12
N LEU B 20 12.53 5.15 -7.28
CA LEU B 20 11.96 4.72 -8.56
C LEU B 20 12.24 5.66 -9.73
N LEU B 21 12.11 6.98 -9.50
CA LEU B 21 12.34 7.93 -10.56
C LEU B 21 13.79 7.92 -11.02
N ASP B 22 14.71 7.84 -10.06
CA ASP B 22 16.13 7.81 -10.37
C ASP B 22 16.45 6.70 -11.37
N VAL B 23 15.81 5.55 -11.19
CA VAL B 23 15.95 4.48 -12.16
C VAL B 23 15.18 4.77 -13.46
N LEU B 24 13.97 5.31 -13.34
CA LEU B 24 13.09 5.50 -14.49
C LEU B 24 13.62 6.53 -15.51
N ALA B 25 14.13 7.64 -15.00
CA ALA B 25 14.61 8.72 -15.88
C ALA B 25 15.57 8.21 -16.94
N PRO B 26 16.69 7.57 -16.53
CA PRO B 26 17.70 7.05 -17.45
C PRO B 26 17.10 6.12 -18.49
N ALA B 27 16.16 5.28 -18.04
CA ALA B 27 15.48 4.35 -18.94
C ALA B 27 14.58 5.07 -19.96
N TYR B 28 13.91 6.13 -19.52
CA TYR B 28 13.05 6.89 -20.42
C TYR B 28 13.88 7.71 -21.41
N LYS B 29 15.01 8.21 -20.93
CA LYS B 29 15.92 8.99 -21.74
C LYS B 29 16.41 8.09 -22.85
N LYS B 30 16.66 6.84 -22.50
CA LYS B 30 17.17 5.86 -23.44
C LYS B 30 16.15 5.53 -24.53
N ASP B 31 14.90 5.26 -24.13
CA ASP B 31 13.90 4.80 -25.10
C ASP B 31 13.35 5.94 -25.95
N THR B 32 13.60 7.17 -25.54
CA THR B 32 12.74 8.24 -25.97
C THR B 32 13.48 9.54 -26.27
N GLY B 33 14.66 9.70 -25.68
CA GLY B 33 15.44 10.91 -25.83
C GLY B 33 15.08 12.05 -24.87
N VAL B 34 13.96 11.94 -24.16
CA VAL B 34 13.49 13.00 -23.28
C VAL B 34 14.17 12.94 -21.91
N ASP B 35 14.49 14.11 -21.38
CA ASP B 35 14.94 14.23 -19.99
C ASP B 35 13.77 14.51 -19.02
N LEU B 36 13.54 13.57 -18.11
CA LEU B 36 12.55 13.78 -17.05
C LEU B 36 13.14 14.61 -15.92
N LYS B 37 12.42 15.66 -15.54
CA LYS B 37 12.84 16.50 -14.42
C LYS B 37 11.76 16.57 -13.38
N TRP B 38 12.13 16.42 -12.11
CA TRP B 38 11.11 16.41 -11.08
C TRP B 38 11.54 17.03 -9.79
N VAL B 39 10.56 17.61 -9.10
CA VAL B 39 10.75 18.07 -7.74
C VAL B 39 9.88 17.21 -6.81
N ALA B 40 10.45 16.83 -5.67
CA ALA B 40 9.78 16.02 -4.67
C ALA B 40 9.37 16.87 -3.47
N VAL B 41 8.08 17.14 -3.36
CA VAL B 41 7.54 17.95 -2.28
C VAL B 41 6.41 17.20 -1.59
N GLY B 42 5.66 17.91 -0.75
CA GLY B 42 4.47 17.34 -0.17
C GLY B 42 3.36 17.22 -1.20
N THR B 43 2.42 16.32 -0.92
CA THR B 43 1.27 16.07 -1.79
C THR B 43 0.54 17.35 -2.18
N GLY B 44 0.15 18.15 -1.20
CA GLY B 44 -0.52 19.40 -1.48
C GLY B 44 0.33 20.27 -2.41
N ASN B 45 1.62 20.35 -2.12
CA ASN B 45 2.53 21.13 -2.95
C ASN B 45 2.63 20.62 -4.38
N ALA B 46 2.70 19.29 -4.52
CA ALA B 46 2.79 18.70 -5.84
C ALA B 46 1.51 19.00 -6.63
N LEU B 47 0.36 18.85 -5.98
CA LEU B 47 -0.89 19.13 -6.66
C LEU B 47 -0.95 20.60 -7.01
N LYS B 48 -0.45 21.43 -6.10
CA LYS B 48 -0.35 22.85 -6.34
C LYS B 48 0.51 23.14 -7.57
N LEU B 49 1.70 22.55 -7.63
CA LEU B 49 2.55 22.77 -8.80
C LEU B 49 1.72 22.58 -10.07
N GLY B 50 0.93 21.52 -10.10
CA GLY B 50 0.13 21.21 -11.27
C GLY B 50 -0.98 22.21 -11.48
N GLU B 51 -1.61 22.62 -10.39
CA GLU B 51 -2.73 23.54 -10.49
C GLU B 51 -2.21 24.89 -10.96
N ASN B 52 -1.00 25.24 -10.51
CA ASN B 52 -0.36 26.50 -10.86
C ASN B 52 0.19 26.52 -12.29
N CYS B 53 0.04 25.41 -13.02
CA CYS B 53 0.56 25.30 -14.38
C CYS B 53 2.09 25.35 -14.39
N ASP B 54 2.72 24.54 -13.56
CA ASP B 54 4.16 24.63 -13.32
C ASP B 54 4.90 23.35 -13.72
N VAL B 55 4.14 22.31 -14.01
CA VAL B 55 4.68 21.01 -14.39
C VAL B 55 3.81 20.42 -15.49
N ASP B 56 4.30 19.38 -16.16
CA ASP B 56 3.57 18.80 -17.26
C ASP B 56 2.76 17.65 -16.71
N VAL B 57 3.29 17.02 -15.66
CA VAL B 57 2.68 15.86 -15.06
C VAL B 57 2.81 15.84 -13.55
N VAL B 58 1.90 15.09 -12.95
CA VAL B 58 1.87 14.90 -11.51
C VAL B 58 1.90 13.40 -11.18
N PHE B 59 2.67 13.06 -10.15
CA PHE B 59 2.87 11.67 -9.82
C PHE B 59 2.76 11.52 -8.30
N VAL B 60 1.57 11.17 -7.81
CA VAL B 60 1.36 11.08 -6.37
C VAL B 60 0.75 9.76 -5.87
N HIS B 61 0.39 9.75 -4.59
CA HIS B 61 0.05 8.52 -3.88
C HIS B 61 -1.13 8.74 -2.91
N ALA B 62 -2.21 9.31 -3.42
CA ALA B 62 -3.37 9.68 -2.60
C ALA B 62 -4.62 9.67 -3.47
N PRO B 63 -5.21 8.49 -3.64
CA PRO B 63 -6.36 8.28 -4.54
C PRO B 63 -7.52 9.23 -4.31
N LYS B 64 -7.97 9.36 -3.07
CA LYS B 64 -9.17 10.16 -2.85
C LYS B 64 -8.93 11.58 -3.35
N VAL B 65 -7.80 12.14 -2.95
CA VAL B 65 -7.42 13.47 -3.41
C VAL B 65 -7.19 13.53 -4.92
N GLU B 66 -6.69 12.44 -5.51
CA GLU B 66 -6.44 12.44 -6.97
C GLU B 66 -7.75 12.58 -7.73
N LEU B 67 -8.75 11.86 -7.27
CA LEU B 67 -10.04 11.88 -7.93
C LEU B 67 -10.72 13.24 -7.80
N GLU B 68 -10.54 13.91 -6.67
CA GLU B 68 -11.02 15.28 -6.52
C GLU B 68 -10.29 16.18 -7.51
N TYR B 69 -9.01 15.92 -7.66
CA TYR B 69 -8.16 16.68 -8.56
C TYR B 69 -8.64 16.54 -10.01
N VAL B 70 -9.12 15.35 -10.35
CA VAL B 70 -9.67 15.10 -11.67
C VAL B 70 -11.00 15.85 -11.89
N GLU B 71 -11.94 15.69 -10.97
CA GLU B 71 -13.23 16.36 -11.06
C GLU B 71 -13.08 17.87 -11.01
N LYS B 72 -12.12 18.33 -10.20
CA LYS B 72 -11.84 19.75 -10.13
C LYS B 72 -11.30 20.25 -11.45
N GLY B 73 -10.94 19.34 -12.36
CA GLY B 73 -10.43 19.73 -13.66
C GLY B 73 -8.93 19.97 -13.81
N PHE B 74 -8.18 19.87 -12.71
CA PHE B 74 -6.75 20.15 -12.76
C PHE B 74 -5.95 19.03 -13.44
N GLY B 75 -6.39 17.79 -13.27
CA GLY B 75 -5.70 16.68 -13.91
C GLY B 75 -6.56 15.89 -14.87
N ILE B 76 -5.90 15.21 -15.81
CA ILE B 76 -6.57 14.26 -16.69
C ILE B 76 -5.71 13.00 -16.88
N ASP B 77 -6.26 12.03 -17.60
CA ASP B 77 -5.57 10.77 -17.88
C ASP B 77 -4.97 10.09 -16.65
N ARG B 78 -5.69 10.13 -15.53
CA ARG B 78 -5.21 9.50 -14.30
C ARG B 78 -4.93 8.00 -14.51
N THR B 79 -3.73 7.56 -14.18
CA THR B 79 -3.30 6.21 -14.49
C THR B 79 -2.50 5.60 -13.34
N PRO B 80 -3.15 4.72 -12.56
CA PRO B 80 -2.40 4.01 -11.53
C PRO B 80 -1.22 3.22 -12.10
N VAL B 81 -0.14 3.18 -11.33
CA VAL B 81 1.08 2.47 -11.71
C VAL B 81 1.44 1.54 -10.56
N MSE B 82 1.39 0.24 -10.81
CA MSE B 82 1.67 -0.74 -9.77
C MSE B 82 3.14 -0.78 -9.38
O MSE B 82 4.02 -0.93 -10.23
CB MSE B 82 1.23 -2.12 -10.24
CG MSE B 82 1.18 -3.15 -9.13
SE MSE B 82 0.89 -4.96 -9.86
CE MSE B 82 -0.92 -4.74 -10.52
N TYR B 83 3.42 -0.66 -8.09
CA TYR B 83 4.80 -0.59 -7.59
C TYR B 83 4.87 -0.65 -6.08
N ASN B 84 5.91 -1.32 -5.56
CA ASN B 84 6.20 -1.26 -4.13
C ASN B 84 5.09 -1.87 -3.26
N ASP B 85 4.78 -3.14 -3.49
CA ASP B 85 3.74 -3.85 -2.77
C ASP B 85 3.96 -3.88 -1.25
N PHE B 86 2.87 -4.08 -0.51
CA PHE B 86 2.94 -4.25 0.94
C PHE B 86 3.22 -5.70 1.33
N VAL B 87 3.95 -5.87 2.43
CA VAL B 87 4.27 -7.18 2.95
C VAL B 87 4.07 -7.15 4.47
N ILE B 88 3.90 -8.33 5.07
CA ILE B 88 3.88 -8.41 6.52
C ILE B 88 5.24 -8.90 6.95
N ILE B 89 5.82 -8.28 7.97
CA ILE B 89 7.14 -8.69 8.39
C ILE B 89 7.16 -9.02 9.88
N GLY B 90 8.20 -9.73 10.31
CA GLY B 90 8.35 -10.12 11.69
C GLY B 90 9.60 -10.93 11.83
N ASN B 91 9.95 -11.25 13.07
CA ASN B 91 11.23 -11.90 13.28
C ASN B 91 11.13 -13.31 12.72
N PRO B 92 12.29 -13.92 12.41
CA PRO B 92 12.40 -15.19 11.68
C PRO B 92 11.59 -16.34 12.27
N SER B 93 11.35 -16.29 13.57
CA SER B 93 10.55 -17.32 14.22
C SER B 93 9.09 -17.32 13.74
N PHE B 94 8.69 -16.23 13.09
CA PHE B 94 7.35 -16.13 12.50
C PHE B 94 7.31 -16.64 11.07
N LYS B 95 8.43 -17.13 10.56
CA LYS B 95 8.55 -17.33 9.12
C LYS B 95 7.47 -18.25 8.49
N GLN B 96 7.07 -19.30 9.20
CA GLN B 96 6.14 -20.29 8.62
C GLN B 96 4.71 -20.15 9.16
N LYS B 97 4.52 -19.16 10.04
CA LYS B 97 3.25 -18.91 10.71
C LYS B 97 2.01 -18.89 9.79
N PHE B 98 2.13 -18.25 8.64
CA PHE B 98 1.00 -18.06 7.74
C PHE B 98 1.15 -18.81 6.43
N THR B 99 1.91 -19.91 6.43
CA THR B 99 2.08 -20.64 5.20
C THR B 99 0.69 -20.93 4.59
N GLY B 100 0.51 -20.53 3.35
CA GLY B 100 -0.70 -20.84 2.60
C GLY B 100 -1.93 -19.99 2.89
N MSE B 101 -1.80 -18.97 3.74
CA MSE B 101 -2.96 -18.15 4.05
C MSE B 101 -2.96 -16.88 3.23
O MSE B 101 -1.91 -16.39 2.84
CB MSE B 101 -2.99 -17.80 5.52
CG MSE B 101 -2.81 -19.00 6.42
SE MSE B 101 -2.82 -18.53 8.30
CE MSE B 101 -2.08 -20.18 9.04
N SER B 102 -4.16 -16.39 2.94
CA SER B 102 -4.37 -15.04 2.43
C SER B 102 -4.14 -14.02 3.58
N VAL B 103 -4.04 -12.72 3.27
CA VAL B 103 -3.85 -11.74 4.35
C VAL B 103 -5.02 -11.75 5.32
N ALA B 104 -6.23 -11.90 4.79
CA ALA B 104 -7.41 -11.91 5.65
C ALA B 104 -7.28 -13.02 6.68
N GLU B 105 -6.85 -14.19 6.23
CA GLU B 105 -6.67 -15.32 7.14
C GLU B 105 -5.53 -15.09 8.15
N ALA B 106 -4.42 -14.51 7.69
CA ALA B 106 -3.31 -14.21 8.58
C ALA B 106 -3.82 -13.25 9.66
N PHE B 107 -4.57 -12.24 9.22
CA PHE B 107 -5.09 -11.25 10.16
C PHE B 107 -6.11 -11.82 11.14
N LYS B 108 -7.01 -12.67 10.66
CA LYS B 108 -7.92 -13.33 11.59
C LYS B 108 -7.10 -14.07 12.64
N LEU B 109 -6.02 -14.72 12.20
CA LEU B 109 -5.22 -15.55 13.09
C LEU B 109 -4.47 -14.69 14.09
N ILE B 110 -3.95 -13.57 13.62
CA ILE B 110 -3.23 -12.63 14.48
C ILE B 110 -4.10 -12.21 15.67
N GLU B 111 -5.35 -11.83 15.42
CA GLU B 111 -6.21 -11.42 16.53
C GLU B 111 -6.64 -12.60 17.40
N LYS B 112 -6.83 -13.75 16.78
CA LYS B 112 -7.24 -14.93 17.55
C LYS B 112 -6.12 -15.40 18.48
N GLU B 113 -4.89 -15.41 17.98
CA GLU B 113 -3.77 -15.85 18.79
C GLU B 113 -3.19 -14.66 19.54
N GLN B 114 -3.74 -13.47 19.29
CA GLN B 114 -3.29 -12.24 19.93
C GLN B 114 -1.80 -11.99 19.78
N VAL B 115 -1.27 -12.06 18.56
CA VAL B 115 0.15 -11.75 18.42
C VAL B 115 0.34 -10.25 18.33
N LYS B 116 1.44 -9.78 18.90
CA LYS B 116 1.78 -8.37 18.88
C LYS B 116 1.79 -7.89 17.46
N PHE B 117 1.18 -6.74 17.25
CA PHE B 117 1.10 -6.17 15.94
C PHE B 117 1.16 -4.65 16.06
N VAL B 118 1.98 -4.03 15.23
CA VAL B 118 2.25 -2.59 15.36
C VAL B 118 1.69 -1.81 14.17
N SER B 119 0.84 -0.85 14.46
CA SER B 119 0.19 -0.04 13.45
C SER B 119 0.83 1.34 13.38
N ARG B 120 0.94 1.90 12.19
CA ARG B 120 1.40 3.28 12.04
C ARG B 120 0.62 4.19 12.97
N GLY B 121 -0.69 3.97 13.04
CA GLY B 121 -1.56 4.79 13.84
C GLY B 121 -1.54 6.28 13.48
N ASP B 122 -1.23 6.57 12.22
CA ASP B 122 -1.25 7.95 11.74
C ASP B 122 -2.15 8.05 10.48
N LYS B 123 -2.10 9.17 9.78
CA LYS B 123 -2.82 9.22 8.54
C LYS B 123 -1.82 8.92 7.45
N SER B 124 -2.05 7.85 6.69
CA SER B 124 -1.07 7.45 5.71
C SER B 124 -1.61 6.28 4.91
N GLY B 125 -1.13 6.16 3.67
CA GLY B 125 -1.54 5.12 2.78
C GLY B 125 -1.37 3.79 3.48
N THR B 126 -0.24 3.64 4.13
CA THR B 126 0.07 2.41 4.80
C THR B 126 -0.96 2.12 5.90
N HIS B 127 -1.30 3.13 6.69
CA HIS B 127 -2.35 2.96 7.68
C HIS B 127 -3.70 2.62 7.05
N SER B 128 -4.09 3.37 6.02
CA SER B 128 -5.34 3.08 5.33
C SER B 128 -5.38 1.64 4.81
N LYS B 129 -4.33 1.23 4.14
CA LYS B 129 -4.23 -0.14 3.67
C LYS B 129 -4.43 -1.12 4.84
N GLU B 130 -3.81 -0.83 5.97
CA GLU B 130 -3.89 -1.74 7.11
C GLU B 130 -5.32 -1.82 7.65
N ARG B 131 -5.94 -0.67 7.84
CA ARG B 131 -7.31 -0.62 8.33
C ARG B 131 -8.24 -1.38 7.42
N GLU B 132 -8.03 -1.20 6.11
CA GLU B 132 -8.79 -1.90 5.10
C GLU B 132 -8.73 -3.43 5.26
N VAL B 133 -7.53 -3.96 5.52
CA VAL B 133 -7.42 -5.39 5.76
C VAL B 133 -8.12 -5.85 7.06
N TRP B 134 -8.04 -5.07 8.13
CA TRP B 134 -8.80 -5.43 9.32
C TRP B 134 -10.31 -5.51 9.05
N LYS B 135 -10.83 -4.55 8.30
CA LYS B 135 -12.24 -4.52 7.93
C LYS B 135 -12.64 -5.81 7.19
N GLU B 136 -11.86 -6.19 6.19
CA GLU B 136 -12.11 -7.43 5.49
C GLU B 136 -12.05 -8.61 6.45
N ALA B 137 -10.96 -8.71 7.22
CA ALA B 137 -10.74 -9.87 8.08
C ALA B 137 -11.72 -10.02 9.23
N LEU B 138 -12.06 -8.91 9.88
CA LEU B 138 -12.83 -8.95 11.13
C LEU B 138 -14.11 -8.13 11.08
N GLY B 139 -14.23 -7.27 10.07
CA GLY B 139 -15.35 -6.35 10.00
C GLY B 139 -15.22 -5.18 10.96
N LYS B 140 -14.02 -4.99 11.50
CA LYS B 140 -13.76 -3.90 12.43
C LYS B 140 -12.31 -3.85 12.85
N ILE B 141 -11.94 -2.85 13.64
CA ILE B 141 -10.53 -2.53 13.87
C ILE B 141 -10.18 -2.66 15.35
N PRO B 142 -9.32 -3.63 15.65
CA PRO B 142 -8.45 -3.54 16.83
C PRO B 142 -8.18 -2.10 17.23
N GLU B 143 -8.55 -1.75 18.46
CA GLU B 143 -8.32 -0.40 18.97
C GLU B 143 -7.65 -0.43 20.35
N LYS B 144 -8.32 -1.08 21.30
CA LYS B 144 -7.87 -1.07 22.69
C LYS B 144 -7.43 -2.46 23.13
N GLU B 145 -7.24 -3.36 22.17
CA GLU B 145 -6.67 -4.66 22.44
C GLU B 145 -5.21 -4.55 22.86
N SER B 146 -4.79 -5.44 23.75
CA SER B 146 -3.44 -5.38 24.30
C SER B 146 -2.35 -5.73 23.30
N TRP B 147 -2.70 -6.50 22.29
CA TRP B 147 -1.72 -6.95 21.31
C TRP B 147 -1.63 -5.98 20.15
N TYR B 148 -2.54 -5.03 20.10
CA TYR B 148 -2.58 -4.08 18.99
C TYR B 148 -2.04 -2.71 19.40
N ILE B 149 -0.90 -2.33 18.83
CA ILE B 149 -0.20 -1.10 19.20
C ILE B 149 -0.23 -0.06 18.08
N GLU B 150 -0.92 1.05 18.32
CA GLU B 150 -0.89 2.18 17.38
C GLU B 150 0.30 3.10 17.71
N ALA B 151 1.21 3.24 16.76
CA ALA B 151 2.48 3.90 17.04
C ALA B 151 2.43 5.42 16.93
N GLY B 152 1.59 5.93 16.02
CA GLY B 152 1.56 7.36 15.74
C GLY B 152 2.86 7.86 15.12
N GLN B 153 3.50 7.01 14.33
CA GLN B 153 4.85 7.28 13.85
C GLN B 153 5.05 6.81 12.41
N GLY B 154 6.14 7.23 11.78
CA GLY B 154 6.42 6.83 10.40
C GLY B 154 6.78 5.36 10.26
N MSE B 155 7.09 4.95 9.04
CA MSE B 155 7.19 3.54 8.70
C MSE B 155 8.42 2.86 9.32
O MSE B 155 8.32 1.78 9.90
CB MSE B 155 7.21 3.37 7.17
CG MSE B 155 7.08 1.94 6.72
SE MSE B 155 5.27 1.23 7.06
CE MSE B 155 5.59 0.20 8.68
N LEU B 156 9.57 3.49 9.14
CA LEU B 156 10.82 2.93 9.66
C LEU B 156 10.78 2.81 11.18
N ALA B 157 10.25 3.84 11.83
CA ALA B 157 10.09 3.82 13.27
C ALA B 157 9.11 2.71 13.69
N THR B 158 8.02 2.55 12.95
CA THR B 158 7.05 1.50 13.27
C THR B 158 7.69 0.11 13.17
N ILE B 159 8.58 -0.05 12.19
CA ILE B 159 9.26 -1.34 11.96
C ILE B 159 10.17 -1.64 13.14
N ASN B 160 10.86 -0.60 13.60
CA ASN B 160 11.73 -0.71 14.76
C ASN B 160 10.94 -1.07 16.02
N ILE B 161 9.77 -0.48 16.18
CA ILE B 161 8.93 -0.80 17.32
C ILE B 161 8.50 -2.27 17.26
N ALA B 162 8.10 -2.73 16.09
CA ALA B 162 7.70 -4.11 15.93
C ALA B 162 8.87 -5.03 16.28
N GLU B 163 10.06 -4.71 15.76
CA GLU B 163 11.24 -5.52 16.06
C GLU B 163 11.51 -5.55 17.57
N GLU B 164 11.45 -4.39 18.22
CA GLU B 164 11.69 -4.28 19.66
C GLU B 164 10.65 -5.03 20.49
N GLN B 165 9.42 -5.10 20.00
CA GLN B 165 8.32 -5.78 20.70
C GLN B 165 8.16 -7.22 20.26
N LYS B 166 9.05 -7.71 19.40
CA LYS B 166 8.90 -9.07 18.87
C LYS B 166 7.50 -9.27 18.28
N GLY B 167 7.06 -8.35 17.45
CA GLY B 167 5.73 -8.42 16.87
C GLY B 167 5.75 -8.26 15.37
N LEU B 168 4.57 -8.14 14.78
CA LEU B 168 4.43 -8.06 13.33
C LEU B 168 4.05 -6.66 12.92
N THR B 169 4.26 -6.36 11.64
CA THR B 169 3.75 -5.12 11.10
C THR B 169 3.59 -5.23 9.60
N LEU B 170 2.74 -4.38 9.05
CA LEU B 170 2.56 -4.28 7.61
C LEU B 170 3.36 -3.10 7.08
N THR B 171 4.10 -3.31 6.01
CA THR B 171 5.01 -2.28 5.52
C THR B 171 5.09 -2.33 4.02
N ASP B 172 5.31 -1.18 3.37
CA ASP B 172 5.69 -1.24 1.97
C ASP B 172 7.06 -1.94 1.83
N ARG B 173 7.30 -2.65 0.73
CA ARG B 173 8.57 -3.36 0.57
C ARG B 173 9.77 -2.39 0.67
N GLY B 174 9.61 -1.24 0.02
CA GLY B 174 10.65 -0.21 0.02
C GLY B 174 11.24 0.11 1.39
N THR B 175 10.41 0.50 2.32
CA THR B 175 10.92 0.84 3.64
C THR B 175 11.51 -0.40 4.28
N PHE B 176 10.92 -1.55 4.00
CA PHE B 176 11.50 -2.76 4.54
C PHE B 176 12.91 -3.03 4.02
N ILE B 177 13.16 -2.75 2.74
CA ILE B 177 14.49 -2.96 2.17
C ILE B 177 15.47 -1.96 2.78
N LYS B 178 15.03 -0.72 2.91
CA LYS B 178 15.82 0.28 3.62
C LYS B 178 16.25 -0.25 4.97
N TYR B 179 15.28 -0.77 5.73
CA TYR B 179 15.54 -1.32 7.05
C TYR B 179 16.59 -2.45 7.01
N GLU B 180 16.41 -3.37 6.08
CA GLU B 180 17.36 -4.46 5.87
C GLU B 180 18.77 -3.94 5.58
N SER B 181 18.89 -3.18 4.49
CA SER B 181 20.17 -2.69 4.03
C SER B 181 20.95 -2.06 5.16
N ASN B 182 20.24 -1.62 6.19
CA ASN B 182 20.87 -0.85 7.24
C ASN B 182 21.07 -1.64 8.52
N HIS B 183 20.93 -2.96 8.47
CA HIS B 183 20.93 -3.69 9.73
C HIS B 183 22.09 -4.61 9.99
N LYS B 184 22.91 -4.16 10.95
CA LYS B 184 24.09 -4.85 11.42
C LYS B 184 23.70 -6.04 12.28
N GLY B 185 24.19 -7.22 11.90
CA GLY B 185 23.76 -8.48 12.48
C GLY B 185 22.97 -9.25 11.45
N LYS B 186 22.46 -10.42 11.82
CA LYS B 186 21.60 -11.20 10.94
C LYS B 186 20.17 -10.64 10.95
N PRO B 187 19.43 -10.80 9.85
CA PRO B 187 18.10 -10.18 9.70
C PRO B 187 17.25 -10.29 10.95
N PRO B 188 17.02 -9.17 11.64
CA PRO B 188 16.12 -9.19 12.77
C PRO B 188 14.68 -9.38 12.26
N MSE B 189 14.39 -8.83 11.08
CA MSE B 189 13.06 -8.96 10.47
C MSE B 189 13.09 -9.64 9.12
O MSE B 189 14.02 -9.47 8.33
CB MSE B 189 12.35 -7.60 10.34
CG MSE B 189 12.22 -6.83 11.66
SE MSE B 189 11.05 -7.74 12.95
CE MSE B 189 9.37 -6.85 12.43
N VAL B 190 12.05 -10.41 8.85
CA VAL B 190 11.96 -11.18 7.64
C VAL B 190 10.55 -11.02 7.12
N ILE B 191 10.37 -11.13 5.80
CA ILE B 191 9.03 -11.16 5.21
C ILE B 191 8.31 -12.45 5.55
N VAL B 192 7.05 -12.32 5.94
CA VAL B 192 6.35 -13.38 6.62
C VAL B 192 5.02 -13.64 5.92
N LEU B 193 4.65 -12.73 5.02
CA LEU B 193 3.47 -12.88 4.18
C LEU B 193 3.52 -11.85 3.06
N GLU B 194 3.16 -12.28 1.84
CA GLU B 194 3.20 -11.37 0.69
C GLU B 194 2.40 -11.90 -0.48
N GLY B 195 2.10 -11.02 -1.43
CA GLY B 195 1.56 -11.47 -2.70
C GLY B 195 0.08 -11.20 -2.95
N ASP B 196 -0.72 -11.12 -1.90
CA ASP B 196 -2.16 -10.95 -2.08
C ASP B 196 -2.47 -9.74 -2.92
N ASN B 197 -3.57 -9.85 -3.66
CA ASN B 197 -4.05 -8.80 -4.54
C ASN B 197 -4.26 -7.54 -3.74
N THR B 198 -4.80 -7.70 -2.55
CA THR B 198 -5.14 -6.52 -1.76
C THR B 198 -3.89 -5.84 -1.19
N LEU B 199 -2.76 -6.55 -1.19
CA LEU B 199 -1.50 -5.96 -0.76
C LEU B 199 -0.76 -5.26 -1.91
N LYS B 200 -1.41 -5.09 -3.05
CA LYS B 200 -0.78 -4.36 -4.14
C LYS B 200 -0.78 -2.86 -3.86
N ASN B 201 0.31 -2.20 -4.21
CA ASN B 201 0.46 -0.77 -4.01
C ASN B 201 0.41 -0.06 -5.35
N PHE B 202 -0.21 1.12 -5.40
CA PHE B 202 -0.30 1.87 -6.65
C PHE B 202 0.02 3.34 -6.47
N TYR B 203 0.70 3.92 -7.47
CA TYR B 203 0.94 5.35 -7.55
C TYR B 203 0.29 5.88 -8.82
N SER B 204 -0.36 7.02 -8.74
CA SER B 204 -1.07 7.60 -9.88
C SER B 204 -0.25 8.64 -10.60
N ILE B 205 -0.13 8.49 -11.91
CA ILE B 205 0.35 9.58 -12.74
C ILE B 205 -0.83 10.22 -13.45
N MSE B 206 -0.76 11.54 -13.60
CA MSE B 206 -1.82 12.32 -14.22
C MSE B 206 -1.21 13.42 -15.05
O MSE B 206 -0.22 14.03 -14.63
CB MSE B 206 -2.68 12.98 -13.16
CG MSE B 206 -3.44 12.04 -12.26
SE MSE B 206 -4.48 13.00 -10.90
CE MSE B 206 -5.54 14.09 -12.12
N ALA B 207 -1.81 13.73 -16.19
CA ALA B 207 -1.30 14.83 -16.99
C ALA B 207 -1.98 16.11 -16.55
N VAL B 208 -1.23 17.20 -16.53
CA VAL B 208 -1.82 18.48 -16.19
C VAL B 208 -2.73 18.87 -17.35
N ASN B 209 -3.94 19.31 -17.00
CA ASN B 209 -4.98 19.62 -17.99
C ASN B 209 -4.60 20.79 -18.90
N PRO B 210 -4.42 20.49 -20.19
CA PRO B 210 -3.88 21.47 -21.15
C PRO B 210 -4.89 22.56 -21.42
N LYS B 211 -6.17 22.24 -21.29
CA LYS B 211 -7.22 23.20 -21.51
C LYS B 211 -7.12 24.31 -20.45
N ARG B 212 -6.61 23.95 -19.28
CA ARG B 212 -6.35 24.91 -18.21
C ARG B 212 -4.94 25.51 -18.26
N CYS B 213 -3.94 24.66 -18.44
CA CYS B 213 -2.55 25.10 -18.46
C CYS B 213 -2.00 25.05 -19.87
N GLU B 214 -2.14 26.16 -20.59
CA GLU B 214 -1.88 26.21 -22.03
C GLU B 214 -0.44 25.93 -22.41
N LYS B 215 0.47 26.10 -21.47
CA LYS B 215 1.88 25.84 -21.71
C LYS B 215 2.29 24.41 -21.33
N ALA B 216 1.33 23.60 -20.89
CA ALA B 216 1.69 22.23 -20.51
C ALA B 216 2.02 21.39 -21.73
N ASP B 217 3.12 20.64 -21.65
CA ASP B 217 3.49 19.74 -22.74
C ASP B 217 2.66 18.48 -22.65
N TYR B 218 1.43 18.55 -23.16
CA TYR B 218 0.51 17.44 -23.05
C TYR B 218 0.94 16.26 -23.89
N LYS B 219 1.41 16.52 -25.10
CA LYS B 219 1.88 15.45 -25.99
C LYS B 219 2.93 14.60 -25.27
N GLY B 220 3.93 15.27 -24.67
CA GLY B 220 4.96 14.62 -23.89
C GLY B 220 4.44 13.88 -22.66
N ALA B 221 3.46 14.48 -21.98
CA ALA B 221 2.82 13.83 -20.84
C ALA B 221 2.22 12.49 -21.27
N LYS B 222 1.38 12.55 -22.31
CA LYS B 222 0.75 11.37 -22.87
C LYS B 222 1.80 10.32 -23.27
N GLN B 223 2.87 10.77 -23.90
CA GLN B 223 3.94 9.87 -24.33
C GLN B 223 4.59 9.14 -23.15
N PHE B 224 4.91 9.88 -22.09
CA PHE B 224 5.45 9.28 -20.88
C PHE B 224 4.50 8.34 -20.12
N ILE B 225 3.22 8.71 -20.05
CA ILE B 225 2.24 7.91 -19.33
C ILE B 225 2.05 6.58 -20.05
N ASP B 226 1.93 6.65 -21.37
CA ASP B 226 1.90 5.48 -22.21
C ASP B 226 3.09 4.57 -21.92
N TRP B 227 4.27 5.16 -21.91
CA TRP B 227 5.51 4.41 -21.71
C TRP B 227 5.56 3.73 -20.34
N ILE B 228 5.21 4.47 -19.30
CA ILE B 228 5.33 3.91 -17.95
C ILE B 228 4.34 2.75 -17.75
N VAL B 229 3.31 2.70 -18.56
CA VAL B 229 2.29 1.67 -18.37
C VAL B 229 2.30 0.65 -19.51
N SER B 230 3.26 0.79 -20.42
CA SER B 230 3.45 -0.17 -21.51
C SER B 230 3.84 -1.54 -20.94
N GLU B 231 3.66 -2.59 -21.74
CA GLU B 231 3.82 -3.94 -21.20
C GLU B 231 5.23 -4.20 -20.71
N LYS B 232 6.21 -3.67 -21.42
CA LYS B 232 7.61 -3.81 -21.02
C LYS B 232 7.88 -3.15 -19.67
N MSE B 233 7.56 -1.87 -19.55
CA MSE B 233 7.80 -1.14 -18.30
C MSE B 233 6.93 -1.68 -17.16
O MSE B 233 7.42 -1.87 -16.05
CB MSE B 233 7.57 0.36 -18.48
CG MSE B 233 8.53 0.99 -19.49
SE MSE B 233 10.40 0.41 -19.17
CE MSE B 233 10.62 1.11 -17.33
N GLN B 234 5.66 -1.93 -17.46
N GLN B 234 5.66 -1.92 -17.45
CA GLN B 234 4.70 -2.46 -16.50
CA GLN B 234 4.75 -2.45 -16.44
C GLN B 234 5.31 -3.64 -15.75
C GLN B 234 5.40 -3.61 -15.71
N ALA B 235 6.12 -4.44 -16.47
CA ALA B 235 6.81 -5.58 -15.87
C ALA B 235 7.97 -5.13 -14.99
N GLU B 236 8.98 -4.54 -15.62
CA GLU B 236 10.14 -4.06 -14.88
C GLU B 236 9.75 -3.32 -13.60
N ILE B 237 8.88 -2.32 -13.72
CA ILE B 237 8.51 -1.50 -12.58
C ILE B 237 7.90 -2.30 -11.43
N ALA B 238 6.93 -3.15 -11.76
CA ALA B 238 6.27 -3.95 -10.74
C ALA B 238 7.26 -4.92 -10.07
N ASN B 239 8.42 -5.09 -10.69
CA ASN B 239 9.47 -5.99 -10.19
C ASN B 239 10.58 -5.33 -9.37
N PHE B 240 10.67 -4.00 -9.43
CA PHE B 240 11.80 -3.30 -8.83
C PHE B 240 11.89 -3.48 -7.31
N LYS B 241 13.13 -3.59 -6.84
CA LYS B 241 13.43 -3.64 -5.42
C LYS B 241 14.65 -2.77 -5.14
N LEU B 242 14.44 -1.46 -5.13
CA LEU B 242 15.51 -0.48 -5.03
C LEU B 242 15.90 -0.21 -3.58
N ALA C 5 35.36 9.69 26.42
CA ALA C 5 35.03 9.01 27.67
C ALA C 5 33.61 9.31 28.12
N GLU C 6 32.96 10.27 27.48
CA GLU C 6 31.69 10.75 27.99
C GLU C 6 30.70 11.06 26.88
N LEU C 7 29.44 10.71 27.11
CA LEU C 7 28.36 11.03 26.18
C LEU C 7 27.30 11.84 26.92
N ARG C 8 26.89 12.98 26.37
CA ARG C 8 25.99 13.88 27.08
C ARG C 8 24.58 13.76 26.55
N MSE C 9 23.64 13.55 27.46
CA MSE C 9 22.25 13.34 27.08
C MSE C 9 21.35 14.33 27.78
O MSE C 9 21.54 14.61 28.95
CB MSE C 9 21.83 11.91 27.40
CG MSE C 9 20.33 11.68 27.61
SE MSE C 9 19.94 9.82 28.17
CE MSE C 9 20.67 8.89 26.61
N ALA C 10 20.39 14.88 27.05
CA ALA C 10 19.23 15.52 27.67
C ALA C 10 18.07 14.53 27.63
N THR C 11 17.35 14.43 28.75
CA THR C 11 16.19 13.55 28.82
C THR C 11 15.15 14.19 29.74
N THR C 12 14.12 13.43 30.12
CA THR C 12 13.05 14.04 30.90
C THR C 12 13.01 13.49 32.33
N THR C 13 12.46 14.28 33.23
CA THR C 13 12.17 13.82 34.59
C THR C 13 11.37 12.51 34.57
N SER C 14 10.29 12.51 33.80
CA SER C 14 9.46 11.31 33.62
C SER C 14 10.33 10.12 33.25
N THR C 15 11.18 10.31 32.26
CA THR C 15 12.04 9.22 31.80
C THR C 15 12.97 8.76 32.91
N ASP C 16 13.66 9.70 33.55
CA ASP C 16 14.55 9.34 34.64
C ASP C 16 13.83 8.60 35.78
N ASN C 17 12.65 9.09 36.18
CA ASN C 17 11.86 8.44 37.22
C ASN C 17 11.65 6.94 36.98
N THR C 18 11.66 6.52 35.72
CA THR C 18 11.42 5.12 35.42
C THR C 18 12.58 4.22 35.84
N GLY C 19 13.79 4.77 35.85
CA GLY C 19 14.93 3.99 36.26
C GLY C 19 15.69 3.30 35.13
N LEU C 20 15.19 3.40 33.90
CA LEU C 20 15.88 2.78 32.75
C LEU C 20 17.32 3.25 32.59
N LEU C 21 17.55 4.54 32.76
CA LEU C 21 18.89 5.10 32.55
C LEU C 21 19.90 4.50 33.51
N ASP C 22 19.45 4.20 34.73
CA ASP C 22 20.33 3.61 35.74
C ASP C 22 20.64 2.13 35.47
N VAL C 23 19.81 1.45 34.70
CA VAL C 23 20.24 0.17 34.14
C VAL C 23 21.17 0.36 32.94
N LEU C 24 20.80 1.23 32.00
CA LEU C 24 21.54 1.43 30.76
C LEU C 24 22.98 1.90 30.98
N ALA C 25 23.17 2.89 31.84
CA ALA C 25 24.47 3.53 31.97
C ALA C 25 25.60 2.58 32.39
N PRO C 26 25.34 1.73 33.40
CA PRO C 26 26.44 0.85 33.82
C PRO C 26 26.78 -0.16 32.74
N ALA C 27 25.76 -0.69 32.07
CA ALA C 27 25.93 -1.67 31.00
C ALA C 27 26.74 -1.06 29.87
N TYR C 28 26.38 0.17 29.48
CA TYR C 28 27.11 0.85 28.43
C TYR C 28 28.57 1.02 28.83
N LYS C 29 28.78 1.48 30.05
CA LYS C 29 30.13 1.61 30.57
C LYS C 29 30.86 0.25 30.50
N LYS C 30 30.16 -0.83 30.84
CA LYS C 30 30.73 -2.16 30.75
C LYS C 30 31.22 -2.45 29.35
N ASP C 31 30.27 -2.50 28.42
CA ASP C 31 30.59 -2.80 27.04
C ASP C 31 31.62 -1.88 26.39
N THR C 32 31.49 -0.57 26.61
CA THR C 32 32.28 0.38 25.81
C THR C 32 33.22 1.24 26.63
N GLY C 33 33.01 1.27 27.94
CA GLY C 33 33.83 2.10 28.81
C GLY C 33 33.56 3.59 28.70
N VAL C 34 32.44 3.97 28.06
CA VAL C 34 32.03 5.37 27.99
C VAL C 34 31.02 5.69 29.10
N ASP C 35 31.16 6.88 29.67
CA ASP C 35 30.26 7.33 30.74
C ASP C 35 29.10 8.12 30.17
N LEU C 36 27.90 7.58 30.35
CA LEU C 36 26.66 8.28 29.98
C LEU C 36 26.30 9.27 31.07
N LYS C 37 26.25 10.56 30.74
CA LYS C 37 25.82 11.58 31.69
C LYS C 37 24.57 12.24 31.17
N TRP C 38 23.57 12.36 32.04
CA TRP C 38 22.34 12.96 31.59
C TRP C 38 21.81 14.00 32.56
N VAL C 39 20.93 14.83 32.05
CA VAL C 39 20.22 15.81 32.85
C VAL C 39 18.75 15.63 32.53
N ALA C 40 17.93 15.45 33.57
CA ALA C 40 16.48 15.22 33.42
C ALA C 40 15.72 16.51 33.58
N VAL C 41 15.08 16.96 32.50
CA VAL C 41 14.35 18.22 32.53
C VAL C 41 12.92 18.09 31.97
N GLY C 42 12.34 19.20 31.56
CA GLY C 42 11.09 19.16 30.83
C GLY C 42 11.36 18.77 29.39
N THR C 43 10.33 18.25 28.71
CA THR C 43 10.51 17.85 27.32
C THR C 43 11.01 19.02 26.45
N GLY C 44 10.36 20.16 26.60
CA GLY C 44 10.76 21.36 25.89
C GLY C 44 12.23 21.70 26.11
N ASN C 45 12.66 21.71 27.37
CA ASN C 45 14.03 22.09 27.68
C ASN C 45 15.03 21.09 27.15
N ALA C 46 14.65 19.82 27.18
CA ALA C 46 15.50 18.75 26.71
C ALA C 46 15.77 18.99 25.25
N LEU C 47 14.70 19.21 24.49
CA LEU C 47 14.85 19.54 23.09
C LEU C 47 15.66 20.84 22.91
N LYS C 48 15.37 21.83 23.75
CA LYS C 48 16.11 23.09 23.67
C LYS C 48 17.63 22.87 23.92
N LEU C 49 17.97 22.02 24.86
CA LEU C 49 19.38 21.71 25.11
C LEU C 49 20.07 21.19 23.85
N GLY C 50 19.43 20.23 23.18
CA GLY C 50 19.95 19.73 21.91
C GLY C 50 19.95 20.77 20.80
N GLU C 51 18.97 21.68 20.82
CA GLU C 51 18.91 22.74 19.85
C GLU C 51 20.07 23.72 19.99
N ASN C 52 20.57 23.86 21.22
CA ASN C 52 21.66 24.77 21.53
C ASN C 52 23.02 24.09 21.53
N CYS C 53 23.07 22.87 21.03
CA CYS C 53 24.33 22.14 20.95
C CYS C 53 24.99 21.94 22.31
N ASP C 54 24.15 21.82 23.35
CA ASP C 54 24.64 21.58 24.70
C ASP C 54 24.77 20.10 25.08
N VAL C 55 24.14 19.20 24.32
CA VAL C 55 24.29 17.76 24.54
C VAL C 55 24.54 17.04 23.21
N ASP C 56 24.78 15.73 23.29
CA ASP C 56 25.02 14.89 22.13
C ASP C 56 23.77 14.14 21.68
N VAL C 57 22.95 13.75 22.65
CA VAL C 57 21.73 12.99 22.38
C VAL C 57 20.58 13.49 23.23
N VAL C 58 19.39 13.33 22.67
CA VAL C 58 18.15 13.72 23.28
C VAL C 58 17.29 12.47 23.40
N PHE C 59 16.76 12.23 24.59
CA PHE C 59 16.05 11.00 24.88
C PHE C 59 14.73 11.34 25.55
N VAL C 60 13.62 11.18 24.82
CA VAL C 60 12.30 11.60 25.31
C VAL C 60 11.17 10.66 24.87
N HIS C 61 9.95 10.99 25.27
CA HIS C 61 8.82 10.18 24.89
C HIS C 61 7.63 11.06 24.47
N ALA C 62 7.80 11.79 23.37
CA ALA C 62 6.75 12.68 22.89
C ALA C 62 6.86 12.77 21.37
N PRO C 63 6.39 11.73 20.67
CA PRO C 63 6.67 11.53 19.24
C PRO C 63 6.23 12.68 18.33
N LYS C 64 5.12 13.34 18.64
CA LYS C 64 4.71 14.43 17.77
C LYS C 64 5.77 15.53 17.79
N VAL C 65 6.16 15.92 19.00
CA VAL C 65 7.16 16.95 19.19
C VAL C 65 8.52 16.53 18.65
N GLU C 66 8.89 15.27 18.82
CA GLU C 66 10.18 14.81 18.32
C GLU C 66 10.19 14.87 16.80
N LEU C 67 9.01 14.72 16.21
CA LEU C 67 8.87 14.69 14.76
C LEU C 67 9.06 16.08 14.12
N GLU C 68 8.42 17.10 14.69
CA GLU C 68 8.73 18.50 14.37
C GLU C 68 10.23 18.74 14.45
N TYR C 69 10.82 18.31 15.55
CA TYR C 69 12.22 18.55 15.88
C TYR C 69 13.11 17.99 14.77
N VAL C 70 12.79 16.79 14.30
CA VAL C 70 13.54 16.21 13.21
C VAL C 70 13.37 17.09 11.97
N GLU C 71 12.14 17.51 11.75
CA GLU C 71 11.80 18.26 10.57
C GLU C 71 12.57 19.58 10.55
N LYS C 72 12.69 20.22 11.71
CA LYS C 72 13.45 21.48 11.74
C LYS C 72 14.95 21.25 11.70
N GLY C 73 15.37 19.99 11.54
CA GLY C 73 16.77 19.69 11.39
C GLY C 73 17.60 19.66 12.67
N PHE C 74 16.95 19.87 13.82
CA PHE C 74 17.66 19.90 15.08
C PHE C 74 18.24 18.53 15.47
N GLY C 75 17.46 17.47 15.27
CA GLY C 75 17.91 16.13 15.62
C GLY C 75 17.85 15.18 14.44
N ILE C 76 18.67 14.14 14.45
CA ILE C 76 18.62 13.12 13.39
C ILE C 76 18.75 11.72 13.97
N ASP C 77 18.64 10.72 13.11
CA ASP C 77 18.75 9.31 13.48
C ASP C 77 17.72 8.93 14.54
N ARG C 78 16.53 9.53 14.50
CA ARG C 78 15.49 9.19 15.47
C ARG C 78 15.26 7.68 15.49
N THR C 79 15.33 7.08 16.68
CA THR C 79 15.26 5.65 16.82
C THR C 79 14.49 5.25 18.07
N PRO C 80 13.38 4.52 17.90
CA PRO C 80 12.62 4.02 19.06
C PRO C 80 13.53 3.11 19.87
N VAL C 81 13.37 3.17 21.18
CA VAL C 81 14.25 2.47 22.08
C VAL C 81 13.43 1.50 22.89
N MSE C 82 12.21 1.93 23.22
CA MSE C 82 11.40 1.15 24.14
C MSE C 82 9.99 1.71 24.28
O MSE C 82 9.75 2.91 24.20
CB MSE C 82 12.08 1.08 25.49
CG MSE C 82 11.25 0.45 26.56
SE MSE C 82 12.13 0.65 28.29
CE MSE C 82 10.56 0.50 29.45
N TYR C 83 9.06 0.79 24.53
CA TYR C 83 7.66 1.10 24.65
C TYR C 83 7.05 0.40 25.84
N ASN C 84 6.08 1.05 26.49
CA ASN C 84 5.24 0.35 27.44
C ASN C 84 3.95 1.14 27.67
N ASP C 85 2.97 0.51 28.29
CA ASP C 85 1.71 1.18 28.57
C ASP C 85 1.23 0.94 29.99
N PHE C 86 0.19 1.69 30.36
CA PHE C 86 -0.35 1.64 31.70
C PHE C 86 -1.81 1.26 31.63
N VAL C 87 -2.38 0.94 32.77
CA VAL C 87 -3.62 0.20 32.79
C VAL C 87 -4.34 0.51 34.11
N ILE C 88 -5.67 0.63 34.09
CA ILE C 88 -6.39 0.81 35.35
C ILE C 88 -6.83 -0.55 35.85
N ILE C 89 -6.62 -0.80 37.14
CA ILE C 89 -7.03 -2.08 37.73
C ILE C 89 -7.90 -1.89 38.97
N GLY C 90 -8.64 -2.94 39.32
CA GLY C 90 -9.48 -2.94 40.50
C GLY C 90 -10.08 -4.31 40.74
N ASN C 91 -10.82 -4.48 41.83
CA ASN C 91 -11.50 -5.77 42.08
C ASN C 91 -12.59 -6.02 41.04
N PRO C 92 -12.91 -7.29 40.83
CA PRO C 92 -13.81 -7.69 39.74
C PRO C 92 -15.20 -7.03 39.75
N SER C 93 -15.63 -6.54 40.90
CA SER C 93 -16.90 -5.84 40.98
C SER C 93 -16.86 -4.53 40.20
N PHE C 94 -15.68 -4.20 39.69
CA PHE C 94 -15.46 -2.92 38.99
C PHE C 94 -15.41 -3.05 37.47
N LYS C 95 -15.27 -4.28 36.99
CA LYS C 95 -14.81 -4.50 35.61
C LYS C 95 -15.75 -4.09 34.49
N GLN C 96 -16.91 -3.56 34.83
CA GLN C 96 -17.87 -3.16 33.80
C GLN C 96 -18.13 -1.67 33.91
N LYS C 97 -17.66 -1.08 35.00
CA LYS C 97 -17.92 0.32 35.26
C LYS C 97 -17.40 1.26 34.16
N PHE C 98 -16.42 0.81 33.38
CA PHE C 98 -15.80 1.69 32.40
C PHE C 98 -15.95 1.21 30.96
N THR C 99 -16.90 0.31 30.75
CA THR C 99 -17.26 -0.21 29.43
C THR C 99 -17.27 0.87 28.35
N GLY C 100 -16.43 0.70 27.33
CA GLY C 100 -16.45 1.58 26.17
C GLY C 100 -15.90 2.98 26.33
N MSE C 101 -15.44 3.33 27.53
CA MSE C 101 -14.96 4.69 27.77
C MSE C 101 -13.45 4.90 27.48
O MSE C 101 -12.66 3.95 27.46
CB MSE C 101 -15.25 5.08 29.20
CG MSE C 101 -16.69 5.01 29.58
SE MSE C 101 -16.91 5.30 31.50
CE MSE C 101 -16.72 7.24 31.57
N SER C 102 -13.09 6.15 27.28
CA SER C 102 -11.71 6.62 27.27
C SER C 102 -11.25 6.88 28.70
N VAL C 103 -9.93 6.98 28.91
CA VAL C 103 -9.41 7.21 30.26
C VAL C 103 -9.88 8.53 30.79
N ALA C 104 -9.87 9.54 29.92
CA ALA C 104 -10.37 10.85 30.32
C ALA C 104 -11.79 10.73 30.86
N GLU C 105 -12.65 10.01 30.14
CA GLU C 105 -14.01 9.80 30.61
C GLU C 105 -14.01 9.04 31.94
N ALA C 106 -13.26 7.93 32.00
CA ALA C 106 -13.22 7.11 33.21
C ALA C 106 -12.74 7.89 34.43
N PHE C 107 -11.81 8.82 34.23
CA PHE C 107 -11.26 9.54 35.36
C PHE C 107 -12.27 10.53 35.90
N LYS C 108 -13.04 11.13 35.00
CA LYS C 108 -14.14 12.01 35.38
C LYS C 108 -15.18 11.21 36.16
N LEU C 109 -15.53 10.04 35.64
CA LEU C 109 -16.40 9.12 36.37
C LEU C 109 -15.83 8.89 37.78
N ILE C 110 -14.53 8.65 37.87
CA ILE C 110 -13.94 8.29 39.15
C ILE C 110 -14.15 9.39 40.17
N GLU C 111 -13.91 10.62 39.78
CA GLU C 111 -14.16 11.75 40.66
C GLU C 111 -15.64 11.99 40.94
N LYS C 112 -16.49 11.65 39.98
CA LYS C 112 -17.91 11.97 40.05
C LYS C 112 -18.54 11.08 41.13
N GLU C 113 -18.29 9.78 41.03
CA GLU C 113 -18.82 8.82 41.97
C GLU C 113 -17.90 8.67 43.19
N GLN C 114 -16.88 9.51 43.26
CA GLN C 114 -15.88 9.46 44.33
C GLN C 114 -15.42 8.04 44.68
N VAL C 115 -14.91 7.34 43.66
CA VAL C 115 -14.30 6.04 43.85
C VAL C 115 -12.87 6.20 44.40
N LYS C 116 -12.52 5.35 45.35
CA LYS C 116 -11.19 5.36 45.92
C LYS C 116 -10.18 5.05 44.84
N PHE C 117 -9.18 5.91 44.76
CA PHE C 117 -8.14 5.78 43.75
C PHE C 117 -6.81 5.90 44.44
N VAL C 118 -5.92 4.96 44.21
CA VAL C 118 -4.62 5.00 44.88
C VAL C 118 -3.49 5.48 43.97
N SER C 119 -3.00 6.68 44.22
CA SER C 119 -1.84 7.16 43.48
C SER C 119 -0.54 6.64 44.09
N ARG C 120 0.47 6.43 43.25
CA ARG C 120 1.82 6.14 43.76
C ARG C 120 2.32 7.19 44.76
N GLY C 121 1.96 8.45 44.51
CA GLY C 121 2.29 9.53 45.43
C GLY C 121 3.78 9.75 45.61
N ASP C 122 4.55 9.36 44.59
CA ASP C 122 6.00 9.47 44.66
C ASP C 122 6.56 10.13 43.40
N LYS C 123 7.84 9.90 43.12
CA LYS C 123 8.43 10.41 41.89
C LYS C 123 8.76 9.24 41.01
N SER C 124 7.74 8.60 40.44
CA SER C 124 7.96 7.48 39.56
C SER C 124 7.40 7.77 38.16
N GLY C 125 7.71 6.89 37.21
CA GLY C 125 7.16 7.02 35.87
C GLY C 125 5.65 6.86 35.89
N THR C 126 5.16 5.96 36.73
CA THR C 126 3.73 5.77 36.87
C THR C 126 3.04 7.01 37.42
N HIS C 127 3.60 7.61 38.47
CA HIS C 127 3.02 8.83 39.01
C HIS C 127 2.98 9.95 37.96
N SER C 128 4.00 10.02 37.10
CA SER C 128 4.03 11.00 36.03
C SER C 128 2.96 10.74 34.96
N LYS C 129 2.75 9.48 34.60
CA LYS C 129 1.68 9.21 33.65
C LYS C 129 0.33 9.60 34.26
N GLU C 130 0.11 9.19 35.51
CA GLU C 130 -1.16 9.42 36.17
C GLU C 130 -1.41 10.91 36.27
N ARG C 131 -0.37 11.67 36.58
CA ARG C 131 -0.51 13.11 36.70
C ARG C 131 -1.00 13.73 35.41
N GLU C 132 -0.50 13.25 34.28
CA GLU C 132 -0.93 13.84 33.01
C GLU C 132 -2.35 13.46 32.61
N VAL C 133 -2.79 12.28 33.00
CA VAL C 133 -4.18 11.88 32.80
C VAL C 133 -5.14 12.79 33.58
N TRP C 134 -4.80 13.11 34.83
CA TRP C 134 -5.63 14.03 35.61
C TRP C 134 -5.67 15.43 35.02
N LYS C 135 -4.54 15.87 34.47
CA LYS C 135 -4.50 17.20 33.88
C LYS C 135 -5.37 17.18 32.64
N GLU C 136 -5.22 16.13 31.85
CA GLU C 136 -5.95 16.04 30.61
C GLU C 136 -7.44 15.94 30.84
N ALA C 137 -7.84 15.32 31.94
CA ALA C 137 -9.26 15.05 32.17
C ALA C 137 -9.96 16.03 33.11
N LEU C 138 -9.20 16.78 33.90
CA LEU C 138 -9.80 17.68 34.89
C LEU C 138 -9.12 19.05 35.02
N GLY C 139 -7.87 19.15 34.58
CA GLY C 139 -7.17 20.42 34.67
C GLY C 139 -6.10 20.41 35.74
N LYS C 140 -6.33 19.62 36.77
CA LYS C 140 -5.38 19.46 37.87
C LYS C 140 -5.63 18.12 38.56
N ILE C 141 -4.68 17.66 39.35
CA ILE C 141 -4.84 16.39 40.05
C ILE C 141 -5.60 16.59 41.36
N PRO C 142 -6.53 15.67 41.67
CA PRO C 142 -7.45 15.80 42.80
C PRO C 142 -6.84 15.52 44.19
N GLU C 143 -5.66 16.05 44.47
CA GLU C 143 -4.93 15.70 45.70
C GLU C 143 -5.69 15.93 47.00
N LYS C 144 -6.56 16.93 47.03
CA LYS C 144 -7.29 17.26 48.25
C LYS C 144 -8.40 16.25 48.58
N GLU C 145 -8.97 15.66 47.53
CA GLU C 145 -10.16 14.81 47.66
C GLU C 145 -10.02 13.61 48.60
N SER C 146 -11.07 13.39 49.37
CA SER C 146 -11.12 12.32 50.36
C SER C 146 -10.89 10.93 49.78
N TRP C 147 -11.29 10.73 48.52
CA TRP C 147 -11.23 9.40 47.90
C TRP C 147 -9.87 9.17 47.20
N TYR C 148 -9.05 10.22 47.20
CA TYR C 148 -7.75 10.21 46.55
C TYR C 148 -6.65 9.86 47.54
N ILE C 149 -6.16 8.63 47.45
CA ILE C 149 -5.18 8.10 48.38
C ILE C 149 -3.74 8.12 47.82
N GLU C 150 -2.83 8.75 48.55
CA GLU C 150 -1.42 8.82 48.16
C GLU C 150 -0.59 7.73 48.85
N ALA C 151 -0.22 6.69 48.13
CA ALA C 151 0.47 5.54 48.75
C ALA C 151 1.89 5.88 49.21
N GLY C 152 2.58 6.72 48.43
CA GLY C 152 3.95 7.07 48.73
C GLY C 152 4.84 5.84 48.72
N GLN C 153 4.48 4.84 47.89
CA GLN C 153 5.24 3.61 47.84
C GLN C 153 5.43 3.04 46.44
N GLY C 154 6.11 1.91 46.36
CA GLY C 154 6.41 1.26 45.09
C GLY C 154 5.18 0.70 44.40
N MSE C 155 5.33 0.39 43.12
CA MSE C 155 4.23 -0.11 42.31
C MSE C 155 3.45 -1.26 42.96
O MSE C 155 2.23 -1.18 43.11
CB MSE C 155 4.72 -0.53 40.93
CG MSE C 155 3.58 -0.70 39.88
SE MSE C 155 2.55 0.96 39.52
CE MSE C 155 1.03 0.74 40.78
N LEU C 156 4.17 -2.33 43.30
CA LEU C 156 3.54 -3.53 43.85
C LEU C 156 2.89 -3.24 45.19
N ALA C 157 3.56 -2.44 46.01
CA ALA C 157 2.97 -2.04 47.27
C ALA C 157 1.66 -1.31 46.99
N THR C 158 1.69 -0.42 46.00
CA THR C 158 0.55 0.43 45.66
C THR C 158 -0.64 -0.41 45.20
N ILE C 159 -0.36 -1.44 44.41
CA ILE C 159 -1.42 -2.33 43.97
C ILE C 159 -2.09 -2.96 45.19
N ASN C 160 -1.27 -3.40 46.15
CA ASN C 160 -1.78 -4.04 47.35
C ASN C 160 -2.61 -3.12 48.23
N ILE C 161 -2.15 -1.90 48.45
CA ILE C 161 -2.90 -0.90 49.18
C ILE C 161 -4.28 -0.68 48.52
N ALA C 162 -4.32 -0.82 47.21
CA ALA C 162 -5.53 -0.51 46.47
C ALA C 162 -6.48 -1.71 46.52
N GLU C 163 -5.90 -2.91 46.53
CA GLU C 163 -6.68 -4.11 46.70
C GLU C 163 -7.25 -4.14 48.13
N GLU C 164 -6.42 -3.80 49.12
CA GLU C 164 -6.85 -3.79 50.52
C GLU C 164 -7.88 -2.71 50.83
N GLN C 165 -7.68 -1.52 50.26
CA GLN C 165 -8.59 -0.40 50.47
C GLN C 165 -9.81 -0.43 49.54
N LYS C 166 -9.96 -1.52 48.79
CA LYS C 166 -11.08 -1.70 47.86
C LYS C 166 -11.21 -0.54 46.87
N GLY C 167 -10.12 -0.24 46.16
CA GLY C 167 -10.07 0.89 45.26
C GLY C 167 -9.45 0.63 43.90
N LEU C 168 -9.32 1.70 43.13
CA LEU C 168 -8.72 1.63 41.81
C LEU C 168 -7.23 2.08 41.86
N THR C 169 -6.42 1.62 40.92
CA THR C 169 -5.13 2.26 40.68
C THR C 169 -4.65 2.12 39.23
N LEU C 170 -3.83 3.07 38.82
CA LEU C 170 -3.09 3.02 37.54
C LEU C 170 -1.77 2.27 37.71
N THR C 171 -1.54 1.26 36.90
CA THR C 171 -0.30 0.52 37.01
C THR C 171 0.33 0.33 35.65
N ASP C 172 1.66 0.24 35.61
CA ASP C 172 2.30 -0.20 34.39
C ASP C 172 1.90 -1.65 34.24
N ARG C 173 1.87 -2.12 33.00
CA ARG C 173 1.36 -3.46 32.71
C ARG C 173 2.27 -4.57 33.23
N GLY C 174 3.58 -4.38 33.08
CA GLY C 174 4.54 -5.38 33.45
C GLY C 174 4.41 -5.80 34.90
N THR C 175 4.33 -4.83 35.80
CA THR C 175 4.12 -5.14 37.21
C THR C 175 2.80 -5.91 37.40
N PHE C 176 1.74 -5.49 36.71
CA PHE C 176 0.46 -6.14 36.91
C PHE C 176 0.52 -7.59 36.48
N ILE C 177 1.25 -7.87 35.42
CA ILE C 177 1.41 -9.23 34.94
C ILE C 177 2.11 -10.11 35.97
N LYS C 178 3.14 -9.57 36.63
CA LYS C 178 3.80 -10.32 37.68
C LYS C 178 2.85 -10.53 38.86
N TYR C 179 2.18 -9.47 39.28
CA TYR C 179 1.21 -9.60 40.36
C TYR C 179 0.24 -10.74 40.07
N GLU C 180 -0.34 -10.75 38.87
CA GLU C 180 -1.23 -11.83 38.46
C GLU C 180 -0.56 -13.20 38.66
N SER C 181 0.68 -13.34 38.20
CA SER C 181 1.37 -14.62 38.31
C SER C 181 1.45 -15.13 39.76
N ASN C 182 1.58 -14.21 40.70
CA ASN C 182 1.65 -14.58 42.11
C ASN C 182 0.26 -14.77 42.72
N HIS C 183 -0.76 -14.57 41.89
CA HIS C 183 -2.14 -14.63 42.38
C HIS C 183 -2.98 -15.51 41.48
N LYS C 184 -2.66 -16.79 41.49
CA LYS C 184 -3.38 -17.78 40.72
C LYS C 184 -4.76 -17.94 41.33
N GLY C 185 -5.70 -18.46 40.54
CA GLY C 185 -7.07 -18.57 40.98
C GLY C 185 -7.80 -17.23 40.86
N LYS C 186 -8.97 -17.12 41.49
CA LYS C 186 -9.77 -15.91 41.36
C LYS C 186 -8.97 -14.67 41.74
N PRO C 187 -8.79 -13.77 40.77
CA PRO C 187 -7.89 -12.62 40.85
C PRO C 187 -8.48 -11.56 41.73
N PRO C 188 -7.71 -11.10 42.73
CA PRO C 188 -8.24 -10.04 43.58
C PRO C 188 -8.38 -8.78 42.77
N MSE C 189 -7.67 -8.74 41.63
CA MSE C 189 -7.63 -7.55 40.79
C MSE C 189 -7.62 -7.88 39.30
O MSE C 189 -7.03 -8.88 38.86
CB MSE C 189 -6.40 -6.70 41.12
CG MSE C 189 -6.29 -6.29 42.57
SE MSE C 189 -7.51 -4.88 43.11
CE MSE C 189 -6.40 -3.29 42.82
N VAL C 190 -8.26 -7.01 38.53
CA VAL C 190 -8.38 -7.20 37.09
C VAL C 190 -8.27 -5.86 36.34
N ILE C 191 -8.04 -5.95 35.04
CA ILE C 191 -7.99 -4.75 34.21
C ILE C 191 -9.41 -4.25 33.95
N VAL C 192 -9.68 -3.02 34.37
CA VAL C 192 -10.97 -2.39 34.17
C VAL C 192 -10.97 -1.31 33.08
N LEU C 193 -9.76 -0.91 32.64
CA LEU C 193 -9.62 -0.04 31.47
C LEU C 193 -8.24 -0.20 30.82
N GLU C 194 -8.18 -0.20 29.49
CA GLU C 194 -6.90 -0.27 28.79
C GLU C 194 -6.97 0.18 27.32
N GLY C 195 -5.83 0.52 26.72
CA GLY C 195 -5.79 0.77 25.29
C GLY C 195 -5.76 2.23 24.84
N ASP C 196 -6.21 3.14 25.69
CA ASP C 196 -6.13 4.57 25.36
C ASP C 196 -4.71 4.95 24.95
N ASN C 197 -4.55 5.58 23.81
CA ASN C 197 -3.23 5.97 23.36
C ASN C 197 -2.55 6.89 24.37
N THR C 198 -3.34 7.65 25.11
CA THR C 198 -2.73 8.54 26.10
C THR C 198 -2.03 7.73 27.21
N LEU C 199 -2.39 6.46 27.36
CA LEU C 199 -1.72 5.60 28.34
C LEU C 199 -0.49 4.88 27.81
N LYS C 200 -0.01 5.26 26.64
CA LYS C 200 1.18 4.62 26.07
C LYS C 200 2.40 5.51 26.22
N ASN C 201 3.56 4.89 26.45
CA ASN C 201 4.84 5.59 26.37
C ASN C 201 5.76 4.98 25.30
N PHE C 202 6.21 5.82 24.38
CA PHE C 202 7.19 5.42 23.38
C PHE C 202 8.44 6.25 23.62
N TYR C 203 9.51 5.59 24.05
CA TYR C 203 10.78 6.27 24.26
C TYR C 203 11.63 6.21 23.01
N SER C 204 12.16 7.36 22.62
CA SER C 204 12.99 7.43 21.44
C SER C 204 14.20 8.28 21.70
N ILE C 205 15.27 7.96 21.00
CA ILE C 205 16.52 8.68 21.09
C ILE C 205 16.85 9.30 19.74
N MSE C 206 17.41 10.50 19.77
CA MSE C 206 17.89 11.20 18.58
C MSE C 206 19.27 11.77 18.81
O MSE C 206 19.61 12.17 19.91
CB MSE C 206 16.97 12.38 18.23
CG MSE C 206 15.53 12.07 18.05
SE MSE C 206 14.50 13.66 17.79
CE MSE C 206 14.14 14.14 19.61
N ALA C 207 20.07 11.84 17.75
CA ALA C 207 21.36 12.53 17.81
C ALA C 207 21.19 14.01 17.54
N VAL C 208 21.94 14.82 18.26
CA VAL C 208 22.01 16.22 17.88
C VAL C 208 22.69 16.33 16.52
N ASN C 209 22.13 17.16 15.65
CA ASN C 209 22.62 17.32 14.29
C ASN C 209 24.02 17.95 14.24
N PRO C 210 25.01 17.16 13.80
CA PRO C 210 26.43 17.53 13.82
C PRO C 210 26.74 18.58 12.77
N LYS C 211 25.82 18.72 11.81
CA LYS C 211 25.97 19.72 10.77
C LYS C 211 25.78 21.11 11.34
N ARG C 212 24.91 21.24 12.34
CA ARG C 212 24.68 22.54 12.95
C ARG C 212 25.34 22.65 14.33
N CYS C 213 25.93 21.56 14.79
CA CYS C 213 26.57 21.53 16.10
C CYS C 213 27.92 20.91 15.94
N GLU C 214 28.92 21.75 15.65
CA GLU C 214 30.26 21.30 15.32
C GLU C 214 30.85 20.44 16.43
N LYS C 215 30.47 20.75 17.67
CA LYS C 215 31.12 20.10 18.81
C LYS C 215 30.27 19.04 19.51
N ALA C 216 29.21 18.60 18.86
CA ALA C 216 28.52 17.42 19.32
C ALA C 216 29.39 16.23 18.96
N ASP C 217 29.49 15.27 19.86
CA ASP C 217 30.16 14.01 19.54
C ASP C 217 29.20 13.09 18.75
N TYR C 218 29.09 13.30 17.45
CA TYR C 218 28.26 12.46 16.62
C TYR C 218 28.74 10.99 16.55
N LYS C 219 30.04 10.76 16.51
CA LYS C 219 30.53 9.39 16.52
C LYS C 219 29.99 8.66 17.74
N GLY C 220 30.14 9.28 18.90
CA GLY C 220 29.73 8.67 20.15
C GLY C 220 28.22 8.47 20.26
N ALA C 221 27.46 9.41 19.70
CA ALA C 221 25.99 9.31 19.69
C ALA C 221 25.53 8.13 18.85
N LYS C 222 26.14 8.00 17.67
CA LYS C 222 25.83 6.91 16.77
C LYS C 222 26.15 5.59 17.44
N GLN C 223 27.33 5.50 18.01
CA GLN C 223 27.74 4.27 18.68
C GLN C 223 26.78 3.87 19.79
N PHE C 224 26.33 4.83 20.58
CA PHE C 224 25.37 4.57 21.65
C PHE C 224 24.03 4.15 21.05
N ILE C 225 23.56 4.88 20.06
CA ILE C 225 22.28 4.55 19.42
C ILE C 225 22.28 3.11 18.83
N ASP C 226 23.36 2.72 18.17
CA ASP C 226 23.47 1.35 17.63
C ASP C 226 23.42 0.33 18.77
N TRP C 227 24.12 0.65 19.84
CA TRP C 227 24.24 -0.27 20.96
C TRP C 227 22.89 -0.49 21.61
N ILE C 228 22.11 0.59 21.72
CA ILE C 228 20.90 0.55 22.52
C ILE C 228 19.80 -0.25 21.83
N VAL C 229 19.89 -0.41 20.51
CA VAL C 229 18.99 -1.29 19.79
C VAL C 229 19.72 -2.58 19.33
N SER C 230 20.86 -2.86 19.95
CA SER C 230 21.59 -4.09 19.66
C SER C 230 20.86 -5.28 20.29
N GLU C 231 21.06 -6.46 19.73
CA GLU C 231 20.37 -7.64 20.23
C GLU C 231 20.61 -7.88 21.72
N LYS C 232 21.85 -7.73 22.17
CA LYS C 232 22.15 -7.94 23.59
C LYS C 232 21.33 -7.03 24.48
N MSE C 233 21.37 -5.73 24.20
CA MSE C 233 20.77 -4.74 25.08
C MSE C 233 19.26 -4.75 25.05
O MSE C 233 18.60 -4.39 26.04
CB MSE C 233 21.36 -3.35 24.84
CG MSE C 233 22.81 -3.27 25.28
SE MSE C 233 23.09 -3.92 27.11
CE MSE C 233 25.01 -3.76 27.30
N GLN C 234 18.67 -5.15 23.94
N GLN C 234 18.69 -5.14 23.91
CA GLN C 234 17.22 -5.26 23.89
CA GLN C 234 17.26 -5.34 23.79
C GLN C 234 16.75 -6.42 24.79
C GLN C 234 16.83 -6.35 24.85
N ALA C 235 17.59 -7.45 24.91
CA ALA C 235 17.30 -8.53 25.83
C ALA C 235 17.23 -7.98 27.26
N GLU C 236 18.27 -7.24 27.65
CA GLU C 236 18.34 -6.70 29.00
C GLU C 236 17.25 -5.68 29.23
N ILE C 237 16.98 -4.85 28.23
CA ILE C 237 15.89 -3.87 28.33
C ILE C 237 14.51 -4.52 28.43
N ALA C 238 14.30 -5.60 27.69
CA ALA C 238 13.06 -6.37 27.82
C ALA C 238 12.93 -6.91 29.24
N ASN C 239 14.04 -7.38 29.79
CA ASN C 239 14.06 -7.91 31.14
C ASN C 239 13.83 -6.83 32.21
N PHE C 240 14.12 -5.59 31.85
CA PHE C 240 13.92 -4.47 32.76
C PHE C 240 12.42 -4.20 33.01
N LYS C 241 11.62 -4.33 31.95
CA LYS C 241 10.20 -4.03 32.03
C LYS C 241 9.34 -5.29 32.20
C1 GOL D . 0.54 -22.51 -48.68
O1 GOL D . 1.78 -21.92 -48.96
C2 GOL D . -0.19 -22.82 -49.98
O2 GOL D . -1.51 -23.23 -49.68
C3 GOL D . 0.53 -23.91 -50.77
O3 GOL D . -0.24 -24.34 -51.87
C1 GOL E . -18.30 -12.06 -29.38
O1 GOL E . -19.58 -12.51 -29.78
C2 GOL E . -17.33 -13.24 -29.29
O2 GOL E . -17.06 -13.52 -27.94
C3 GOL E . -16.00 -12.87 -29.95
O3 GOL E . -15.04 -13.87 -29.66
C ACY F . -0.24 -9.86 -26.13
O ACY F . 0.37 -8.77 -26.06
OXT ACY F . 0.28 -10.98 -25.87
CH3 ACY F . -1.68 -9.87 -26.56
C1 GOL G . -13.25 -12.87 -48.71
O1 GOL G . -13.66 -13.38 -47.44
C2 GOL G . -12.01 -13.62 -49.16
O2 GOL G . -11.60 -14.44 -48.09
C3 GOL G . -10.87 -12.65 -49.47
O3 GOL G . -9.68 -13.40 -49.63
C1 GOL H . 5.22 24.93 -18.29
O1 GOL H . 4.15 24.60 -17.41
C2 GOL H . 6.29 23.85 -18.10
O2 GOL H . 5.67 22.69 -17.62
C3 GOL H . 6.95 23.53 -19.43
O3 GOL H . 8.36 23.42 -19.18
N1 GSH I . 3.80 10.06 0.19
CA1 GSH I . 2.42 9.97 -0.27
C1 GSH I . 2.19 11.12 -1.21
O11 GSH I . 2.70 12.22 -0.94
O12 GSH I . 1.35 11.02 -2.15
CB1 GSH I . 1.49 10.13 0.93
CG1 GSH I . 2.29 10.19 2.22
CD1 GSH I . 2.53 8.75 2.59
OE1 GSH I . 1.41 7.88 2.65
N2 GSH I . 3.75 8.47 3.08
CA2 GSH I . 4.31 7.13 3.15
C2 GSH I . 3.27 6.05 3.08
O2 GSH I . 2.85 5.36 4.24
CB2 GSH I . 5.12 6.96 4.44
SG2 GSH I . 6.53 5.86 4.13
N3 GSH I . 2.70 5.87 1.90
CA3 GSH I . 1.80 4.75 1.68
C3 GSH I . 2.49 3.69 0.85
O31 GSH I . 3.39 4.01 0.02
O32 GSH I . 2.15 2.49 0.94
C1 CIT J . 7.36 2.86 34.59
O1 CIT J . 7.07 4.02 34.93
O2 CIT J . 7.79 2.67 33.44
C2 CIT J . 7.17 1.71 35.54
C3 CIT J . 8.02 1.89 36.81
O7 CIT J . 9.41 1.62 36.53
C4 CIT J . 7.45 0.87 37.81
C5 CIT J . 8.12 0.93 39.15
O3 CIT J . 8.37 2.03 39.70
O4 CIT J . 8.41 -0.13 39.76
C6 CIT J . 7.84 3.31 37.34
O5 CIT J . 8.81 4.11 37.33
O6 CIT J . 6.72 3.70 37.76
C1 GOL K . 6.80 16.29 33.98
O1 GOL K . 7.20 15.36 35.00
C2 GOL K . 7.74 16.34 32.75
O2 GOL K . 8.40 15.11 32.61
C3 GOL K . 6.91 16.63 31.49
O3 GOL K . 7.64 17.32 30.46
#